data_2QGV
#
_entry.id   2QGV
#
_cell.length_a   55.172
_cell.length_b   215.777
_cell.length_c   64.069
_cell.angle_alpha   90.00
_cell.angle_beta   94.80
_cell.angle_gamma   90.00
#
_symmetry.space_group_name_H-M   'P 1 21 1'
#
_entity_poly.entity_id   1
_entity_poly.type   'polypeptide(L)'
_entity_poly.pdbx_seq_one_letter_code
;(MSE)SNDTPFDALWQR(MSE)LARGWTPVSESRLDDWLTQAPDGVVLLSSDPKRTPEVSDNPV(MSE)IGELLHEFPDY
TWQVAIADLEQSEAIGDRFGAFRFPATLVFTGGNYRGVLNGIHPWAELINL(MSE)RGLVEPQQERASLEHHHHHH
;
_entity_poly.pdbx_strand_id   A,B,C,D,E,F,G,H,I,J
#
# COMPACT_ATOMS: atom_id res chain seq x y z
N THR A 5 14.85 -0.18 -44.79
CA THR A 5 14.60 -1.41 -43.96
C THR A 5 13.35 -1.18 -43.12
N PRO A 6 12.82 -2.23 -42.47
CA PRO A 6 11.62 -2.01 -41.66
C PRO A 6 11.97 -1.31 -40.34
N PHE A 7 12.98 -1.81 -39.63
CA PHE A 7 13.36 -1.19 -38.38
C PHE A 7 13.75 0.28 -38.54
N ASP A 8 14.49 0.61 -39.59
CA ASP A 8 14.87 2.01 -39.81
C ASP A 8 13.63 2.87 -39.81
N ALA A 9 12.55 2.34 -40.37
CA ALA A 9 11.30 3.07 -40.45
C ALA A 9 10.79 3.31 -39.04
N LEU A 10 10.77 2.24 -38.25
CA LEU A 10 10.30 2.30 -36.88
C LEU A 10 11.15 3.26 -36.07
N TRP A 11 12.47 3.18 -36.27
CA TRP A 11 13.41 4.03 -35.55
C TRP A 11 13.11 5.49 -35.85
N GLN A 12 12.85 5.80 -37.11
CA GLN A 12 12.54 7.18 -37.51
C GLN A 12 11.19 7.56 -36.92
N ARG A 13 10.29 6.59 -36.88
CA ARG A 13 8.97 6.82 -36.33
C ARG A 13 9.08 7.26 -34.87
N MSE A 14 9.97 6.59 -34.13
CA MSE A 14 10.16 6.93 -32.71
C MSE A 14 10.94 8.23 -32.54
O MSE A 14 10.59 9.08 -31.71
CB MSE A 14 10.87 5.78 -31.97
CG MSE A 14 10.04 4.51 -31.94
SE MSE A 14 10.99 3.01 -31.21
CE MSE A 14 9.77 2.55 -29.79
N LEU A 15 12.00 8.40 -33.32
CA LEU A 15 12.78 9.62 -33.25
C LEU A 15 11.83 10.81 -33.43
N ALA A 16 10.89 10.69 -34.35
CA ALA A 16 9.94 11.78 -34.59
C ALA A 16 9.15 12.14 -33.32
N ARG A 17 8.87 11.15 -32.47
CA ARG A 17 8.15 11.42 -31.23
C ARG A 17 9.06 12.18 -30.26
N GLY A 18 10.32 12.37 -30.64
CA GLY A 18 11.24 13.08 -29.78
C GLY A 18 11.98 12.22 -28.76
N TRP A 19 11.76 10.91 -28.81
CA TRP A 19 12.40 9.99 -27.89
C TRP A 19 13.90 9.95 -28.13
N THR A 20 14.66 9.79 -27.06
CA THR A 20 16.11 9.82 -27.20
C THR A 20 16.81 8.46 -27.29
N PRO A 21 17.72 8.31 -28.26
CA PRO A 21 18.49 7.07 -28.49
C PRO A 21 19.42 6.85 -27.32
N VAL A 22 19.59 5.60 -26.92
CA VAL A 22 20.46 5.30 -25.80
C VAL A 22 21.26 4.02 -26.00
N SER A 23 22.49 3.98 -25.52
CA SER A 23 23.30 2.77 -25.62
C SER A 23 23.49 2.24 -24.21
N GLU A 24 23.82 0.97 -24.06
CA GLU A 24 24.01 0.39 -22.76
C GLU A 24 25.05 1.15 -21.95
N SER A 25 26.14 1.55 -22.60
CA SER A 25 27.23 2.26 -21.94
C SER A 25 26.83 3.62 -21.37
N ARG A 26 25.74 4.19 -21.87
CA ARG A 26 25.32 5.48 -21.39
C ARG A 26 23.99 5.46 -20.66
N LEU A 27 23.39 4.28 -20.58
CA LEU A 27 22.10 4.17 -19.94
C LEU A 27 22.09 4.78 -18.52
N ASP A 28 23.05 4.41 -17.68
CA ASP A 28 23.12 4.95 -16.32
C ASP A 28 23.14 6.46 -16.27
N ASP A 29 23.91 7.07 -17.17
CA ASP A 29 23.97 8.52 -17.23
C ASP A 29 22.60 9.08 -17.59
N TRP A 30 21.96 8.46 -18.59
CA TRP A 30 20.64 8.92 -19.02
C TRP A 30 19.65 8.76 -17.87
N LEU A 31 19.72 7.60 -17.22
CA LEU A 31 18.86 7.28 -16.10
C LEU A 31 18.95 8.33 -14.97
N THR A 32 20.17 8.75 -14.62
CA THR A 32 20.34 9.73 -13.54
C THR A 32 19.69 11.08 -13.88
N GLN A 33 19.52 11.37 -15.16
CA GLN A 33 18.91 12.64 -15.53
C GLN A 33 17.47 12.40 -15.96
N ALA A 34 16.94 11.23 -15.62
CA ALA A 34 15.57 10.85 -15.94
C ALA A 34 15.08 9.85 -14.90
N PRO A 35 14.81 10.32 -13.68
CA PRO A 35 14.34 9.44 -12.60
C PRO A 35 13.09 8.67 -13.00
N ASP A 36 12.22 9.31 -13.76
CA ASP A 36 11.01 8.63 -14.21
C ASP A 36 11.12 8.47 -15.72
N GLY A 37 11.44 7.25 -16.14
CA GLY A 37 11.60 7.02 -17.55
C GLY A 37 11.26 5.63 -18.00
N VAL A 38 11.37 5.43 -19.30
CA VAL A 38 11.07 4.15 -19.89
C VAL A 38 12.04 3.90 -21.05
N VAL A 39 12.55 2.68 -21.11
CA VAL A 39 13.48 2.29 -22.16
C VAL A 39 12.83 1.22 -23.03
N LEU A 40 12.69 1.50 -24.31
CA LEU A 40 12.08 0.54 -25.23
C LEU A 40 13.11 -0.35 -25.88
N LEU A 41 12.94 -1.66 -25.68
CA LEU A 41 13.84 -2.65 -26.25
C LEU A 41 13.11 -3.31 -27.42
N SER A 42 13.71 -3.30 -28.60
CA SER A 42 13.08 -3.88 -29.77
C SER A 42 13.81 -5.05 -30.43
N SER A 43 13.09 -5.78 -31.28
CA SER A 43 13.64 -6.89 -32.05
C SER A 43 13.41 -6.55 -33.51
N ASP A 44 13.94 -7.36 -34.41
CA ASP A 44 13.77 -7.10 -35.83
C ASP A 44 12.28 -7.24 -36.18
N PRO A 45 11.67 -6.16 -36.72
CA PRO A 45 10.25 -6.13 -37.10
C PRO A 45 9.89 -7.20 -38.12
N LYS A 46 10.89 -7.65 -38.87
CA LYS A 46 10.67 -8.69 -39.87
C LYS A 46 10.31 -10.00 -39.17
N ARG A 47 11.17 -10.42 -38.24
CA ARG A 47 10.93 -11.67 -37.51
C ARG A 47 9.57 -11.62 -36.80
N THR A 48 9.29 -10.50 -36.15
CA THR A 48 8.03 -10.31 -35.43
C THR A 48 7.43 -8.92 -35.71
N PRO A 49 6.47 -8.84 -36.65
CA PRO A 49 5.82 -7.57 -37.01
C PRO A 49 5.02 -6.91 -35.88
N GLU A 50 5.14 -7.45 -34.67
CA GLU A 50 4.43 -6.93 -33.51
C GLU A 50 5.21 -5.77 -32.86
N VAL A 51 6.52 -5.79 -33.05
CA VAL A 51 7.42 -4.76 -32.50
C VAL A 51 7.03 -3.36 -32.99
N SER A 52 6.24 -3.29 -34.05
CA SER A 52 5.83 -2.01 -34.62
C SER A 52 4.68 -1.34 -33.87
N ASP A 53 3.85 -2.17 -33.25
CA ASP A 53 2.70 -1.68 -32.51
C ASP A 53 3.08 -1.22 -31.10
N ASN A 54 4.00 -1.96 -30.49
CA ASN A 54 4.47 -1.69 -29.13
C ASN A 54 4.69 -0.20 -28.87
N PRO A 55 5.49 0.47 -29.71
CA PRO A 55 5.78 1.90 -29.58
C PRO A 55 4.54 2.77 -29.36
N VAL A 56 3.63 2.72 -30.32
CA VAL A 56 2.40 3.51 -30.26
C VAL A 56 1.69 3.37 -28.91
N MSE A 57 1.55 2.14 -28.45
CA MSE A 57 0.90 1.85 -27.18
C MSE A 57 1.58 2.57 -26.02
O MSE A 57 0.96 3.39 -25.35
CB MSE A 57 0.92 0.34 -26.90
CG MSE A 57 0.21 -0.50 -27.96
SE MSE A 57 -0.98 -1.85 -27.14
CE MSE A 57 0.28 -3.30 -26.88
N ILE A 58 2.84 2.22 -25.80
CA ILE A 58 3.64 2.82 -24.75
C ILE A 58 3.43 4.33 -24.70
N GLY A 59 3.37 4.95 -25.87
CA GLY A 59 3.18 6.38 -25.91
C GLY A 59 1.92 6.76 -25.14
N GLU A 60 0.84 6.06 -25.43
CA GLU A 60 -0.43 6.32 -24.77
C GLU A 60 -0.40 5.95 -23.30
N LEU A 61 0.00 4.72 -23.03
CA LEU A 61 0.08 4.22 -21.67
C LEU A 61 0.73 5.24 -20.74
N LEU A 62 1.71 5.97 -21.26
CA LEU A 62 2.42 6.95 -20.43
C LEU A 62 1.58 8.08 -19.85
N HIS A 63 0.77 8.73 -20.68
CA HIS A 63 -0.03 9.84 -20.17
C HIS A 63 -1.11 9.34 -19.22
N GLU A 64 -1.13 8.03 -18.97
CA GLU A 64 -2.09 7.44 -18.04
C GLU A 64 -1.57 7.55 -16.62
N PHE A 65 -0.34 8.05 -16.48
CA PHE A 65 0.27 8.22 -15.17
C PHE A 65 0.96 9.58 -15.11
N PRO A 66 0.19 10.66 -15.16
CA PRO A 66 0.70 12.03 -15.13
C PRO A 66 1.53 12.34 -13.88
N ASP A 67 1.30 11.54 -12.83
CA ASP A 67 1.99 11.69 -11.57
C ASP A 67 3.51 11.62 -11.73
N TYR A 68 3.95 11.15 -12.89
CA TYR A 68 5.37 11.03 -13.16
C TYR A 68 5.88 11.93 -14.28
N THR A 69 7.16 12.21 -14.24
CA THR A 69 7.81 13.06 -15.23
C THR A 69 8.48 12.15 -16.28
N TRP A 70 7.66 11.33 -16.93
CA TRP A 70 8.13 10.38 -17.93
C TRP A 70 9.05 10.90 -19.03
N GLN A 71 10.09 10.12 -19.29
CA GLN A 71 11.06 10.42 -20.32
C GLN A 71 11.27 9.09 -21.06
N VAL A 72 11.24 9.10 -22.39
CA VAL A 72 11.38 7.87 -23.17
C VAL A 72 12.72 7.68 -23.85
N ALA A 73 13.26 6.47 -23.73
CA ALA A 73 14.54 6.17 -24.36
C ALA A 73 14.34 4.98 -25.28
N ILE A 74 15.09 4.96 -26.37
CA ILE A 74 14.98 3.87 -27.33
C ILE A 74 16.31 3.31 -27.69
N ALA A 75 16.37 1.99 -27.78
CA ALA A 75 17.61 1.31 -28.12
C ALA A 75 17.45 0.59 -29.46
N ASP A 76 18.52 0.61 -30.25
CA ASP A 76 18.49 -0.03 -31.55
C ASP A 76 18.63 -1.52 -31.30
N LEU A 77 18.64 -2.30 -32.37
CA LEU A 77 18.74 -3.75 -32.21
C LEU A 77 19.92 -4.25 -31.36
N GLU A 78 21.11 -3.74 -31.63
CA GLU A 78 22.27 -4.20 -30.90
C GLU A 78 22.19 -3.80 -29.43
N GLN A 79 21.89 -2.53 -29.18
CA GLN A 79 21.81 -2.05 -27.83
C GLN A 79 20.67 -2.68 -27.06
N SER A 80 19.56 -2.97 -27.73
CA SER A 80 18.44 -3.59 -27.06
C SER A 80 18.87 -4.92 -26.46
N GLU A 81 19.70 -5.66 -27.18
CA GLU A 81 20.19 -6.92 -26.67
C GLU A 81 21.12 -6.68 -25.50
N ALA A 82 21.94 -5.63 -25.59
CA ALA A 82 22.88 -5.33 -24.52
C ALA A 82 22.15 -4.99 -23.24
N ILE A 83 21.28 -3.99 -23.33
CA ILE A 83 20.49 -3.55 -22.19
C ILE A 83 19.62 -4.68 -21.66
N GLY A 84 19.00 -5.42 -22.57
CA GLY A 84 18.15 -6.52 -22.17
C GLY A 84 18.91 -7.54 -21.35
N ASP A 85 20.06 -7.97 -21.86
CA ASP A 85 20.89 -8.93 -21.15
C ASP A 85 21.22 -8.46 -19.74
N ARG A 86 21.43 -7.15 -19.59
CA ARG A 86 21.76 -6.60 -18.30
C ARG A 86 20.57 -6.62 -17.33
N PHE A 87 19.36 -6.64 -17.87
CA PHE A 87 18.18 -6.62 -17.00
C PHE A 87 17.39 -7.92 -17.01
N GLY A 88 17.91 -8.92 -17.71
CA GLY A 88 17.23 -10.19 -17.78
C GLY A 88 16.03 -10.20 -18.70
N ALA A 89 15.88 -9.20 -19.55
CA ALA A 89 14.74 -9.18 -20.44
C ALA A 89 15.00 -10.02 -21.67
N PHE A 90 14.44 -11.22 -21.71
CA PHE A 90 14.66 -12.09 -22.86
C PHE A 90 13.37 -12.32 -23.65
N ARG A 91 12.47 -11.35 -23.56
CA ARG A 91 11.18 -11.43 -24.22
C ARG A 91 10.85 -10.08 -24.83
N PHE A 92 11.23 -9.90 -26.09
CA PHE A 92 10.99 -8.64 -26.81
C PHE A 92 9.72 -8.73 -27.66
N PRO A 93 9.05 -7.59 -27.89
CA PRO A 93 9.37 -6.24 -27.44
C PRO A 93 9.25 -6.16 -25.94
N ALA A 94 10.13 -5.37 -25.32
CA ALA A 94 10.13 -5.21 -23.88
C ALA A 94 10.27 -3.73 -23.56
N THR A 95 9.82 -3.37 -22.37
CA THR A 95 9.88 -1.99 -21.95
C THR A 95 10.30 -1.93 -20.50
N LEU A 96 11.48 -1.37 -20.25
CA LEU A 96 12.00 -1.25 -18.90
C LEU A 96 11.37 -0.03 -18.26
N VAL A 97 10.89 -0.18 -17.03
CA VAL A 97 10.25 0.95 -16.35
C VAL A 97 11.05 1.44 -15.15
N PHE A 98 11.28 2.75 -15.11
CA PHE A 98 12.03 3.35 -14.00
C PHE A 98 11.24 4.47 -13.35
N THR A 99 11.15 4.44 -12.02
CA THR A 99 10.44 5.46 -11.27
C THR A 99 11.35 5.97 -10.16
N GLY A 100 11.45 7.28 -10.05
CA GLY A 100 12.32 7.84 -9.02
C GLY A 100 13.72 7.27 -9.07
N GLY A 101 14.28 7.12 -10.28
CA GLY A 101 15.61 6.58 -10.44
C GLY A 101 15.72 5.10 -10.07
N ASN A 102 14.58 4.46 -9.85
CA ASN A 102 14.54 3.05 -9.48
C ASN A 102 13.89 2.15 -10.53
N TYR A 103 14.55 1.05 -10.83
CA TYR A 103 14.03 0.09 -11.80
C TYR A 103 12.83 -0.66 -11.18
N ARG A 104 11.66 -0.52 -11.77
CA ARG A 104 10.47 -1.17 -11.23
C ARG A 104 10.15 -2.52 -11.88
N GLY A 105 10.58 -2.71 -13.12
CA GLY A 105 10.28 -3.97 -13.78
C GLY A 105 10.26 -3.81 -15.29
N VAL A 106 9.75 -4.83 -15.97
CA VAL A 106 9.70 -4.81 -17.42
C VAL A 106 8.34 -5.25 -17.97
N LEU A 107 7.82 -4.50 -18.92
CA LEU A 107 6.57 -4.86 -19.57
C LEU A 107 6.98 -5.67 -20.79
N ASN A 108 6.65 -6.96 -20.82
CA ASN A 108 7.01 -7.80 -21.96
C ASN A 108 5.75 -8.47 -22.48
N GLY A 109 5.77 -8.83 -23.75
CA GLY A 109 4.62 -9.48 -24.33
C GLY A 109 3.64 -8.45 -24.87
N ILE A 110 2.48 -8.93 -25.31
CA ILE A 110 1.44 -8.08 -25.85
C ILE A 110 0.11 -8.42 -25.18
N HIS A 111 -0.52 -7.41 -24.58
CA HIS A 111 -1.79 -7.60 -23.89
C HIS A 111 -2.75 -6.50 -24.29
N PRO A 112 -4.06 -6.73 -24.08
CA PRO A 112 -5.09 -5.74 -24.41
C PRO A 112 -4.75 -4.45 -23.68
N TRP A 113 -5.22 -3.31 -24.20
CA TRP A 113 -4.91 -2.03 -23.57
C TRP A 113 -5.27 -2.04 -22.08
N ALA A 114 -6.42 -2.59 -21.74
CA ALA A 114 -6.85 -2.63 -20.34
C ALA A 114 -5.92 -3.48 -19.49
N GLU A 115 -5.35 -4.49 -20.11
CA GLU A 115 -4.44 -5.44 -19.46
C GLU A 115 -3.04 -4.83 -19.31
N LEU A 116 -2.81 -3.73 -20.02
CA LEU A 116 -1.51 -3.07 -19.98
C LEU A 116 -1.46 -2.06 -18.83
N ILE A 117 -2.46 -1.18 -18.79
CA ILE A 117 -2.53 -0.16 -17.74
C ILE A 117 -2.46 -0.73 -16.34
N ASN A 118 -3.14 -1.84 -16.09
CA ASN A 118 -3.10 -2.45 -14.77
C ASN A 118 -1.73 -3.07 -14.52
N LEU A 119 -1.10 -3.59 -15.57
CA LEU A 119 0.23 -4.18 -15.44
C LEU A 119 1.23 -3.11 -15.04
N MSE A 120 1.04 -1.90 -15.54
CA MSE A 120 1.93 -0.79 -15.21
C MSE A 120 1.76 -0.38 -13.77
O MSE A 120 2.72 -0.09 -13.07
CB MSE A 120 1.65 0.39 -16.12
CG MSE A 120 2.75 0.67 -17.12
SE MSE A 120 4.40 1.37 -16.30
CE MSE A 120 4.39 3.12 -17.12
N ARG A 121 0.51 -0.33 -13.33
CA ARG A 121 0.21 0.07 -11.96
C ARG A 121 0.90 -0.88 -10.99
N GLY A 122 1.05 -2.14 -11.40
CA GLY A 122 1.70 -3.12 -10.55
C GLY A 122 3.21 -2.91 -10.53
N LEU A 123 3.69 -1.95 -11.31
CA LEU A 123 5.11 -1.65 -11.38
C LEU A 123 5.41 -0.33 -10.72
N VAL A 124 4.58 0.67 -10.98
CA VAL A 124 4.78 1.99 -10.40
C VAL A 124 4.00 2.17 -9.11
N GLU A 125 3.46 1.08 -8.57
CA GLU A 125 2.71 1.13 -7.33
C GLU A 125 2.72 -0.22 -6.60
N THR B 5 -3.10 4.61 -35.42
CA THR B 5 -3.16 6.10 -35.26
C THR B 5 -3.23 6.38 -33.76
N PRO B 6 -3.08 7.65 -33.36
CA PRO B 6 -3.13 8.00 -31.93
C PRO B 6 -4.53 7.92 -31.33
N PHE B 7 -5.51 8.52 -32.00
CA PHE B 7 -6.87 8.47 -31.50
C PHE B 7 -7.39 7.06 -31.32
N ASP B 8 -7.07 6.16 -32.26
CA ASP B 8 -7.51 4.78 -32.16
C ASP B 8 -7.04 4.18 -30.85
N ALA B 9 -5.84 4.58 -30.44
CA ALA B 9 -5.28 4.10 -29.19
C ALA B 9 -6.13 4.61 -28.04
N LEU B 10 -6.39 5.91 -28.05
CA LEU B 10 -7.21 6.54 -27.03
C LEU B 10 -8.61 5.90 -26.99
N TRP B 11 -9.20 5.72 -28.16
CA TRP B 11 -10.51 5.12 -28.25
C TRP B 11 -10.52 3.74 -27.60
N GLN B 12 -9.51 2.94 -27.88
CA GLN B 12 -9.43 1.61 -27.28
C GLN B 12 -9.22 1.75 -25.79
N ARG B 13 -8.45 2.75 -25.40
CA ARG B 13 -8.17 3.00 -24.00
C ARG B 13 -9.49 3.23 -23.27
N MSE B 14 -10.36 4.04 -23.86
CA MSE B 14 -11.66 4.33 -23.24
C MSE B 14 -12.59 3.13 -23.30
O MSE B 14 -13.23 2.80 -22.30
CB MSE B 14 -12.29 5.55 -23.91
CG MSE B 14 -11.50 6.83 -23.69
SE MSE B 14 -12.24 8.38 -24.68
CE MSE B 14 -12.43 9.56 -23.20
N LEU B 15 -12.67 2.49 -24.45
CA LEU B 15 -13.52 1.31 -24.57
C LEU B 15 -13.17 0.33 -23.44
N ALA B 16 -11.88 0.17 -23.16
CA ALA B 16 -11.45 -0.73 -22.10
C ALA B 16 -12.06 -0.38 -20.74
N ARG B 17 -12.30 0.91 -20.51
CA ARG B 17 -12.92 1.33 -19.25
C ARG B 17 -14.39 0.95 -19.23
N GLY B 18 -14.89 0.43 -20.34
CA GLY B 18 -16.29 0.04 -20.40
C GLY B 18 -17.23 1.15 -20.85
N TRP B 19 -16.69 2.32 -21.18
CA TRP B 19 -17.51 3.45 -21.61
C TRP B 19 -18.18 3.11 -22.94
N THR B 20 -19.39 3.65 -23.13
CA THR B 20 -20.12 3.34 -24.34
C THR B 20 -20.07 4.38 -25.45
N PRO B 21 -19.79 3.92 -26.68
CA PRO B 21 -19.72 4.79 -27.87
C PRO B 21 -21.09 5.37 -28.17
N VAL B 22 -21.15 6.63 -28.59
CA VAL B 22 -22.43 7.26 -28.88
C VAL B 22 -22.35 8.16 -30.10
N SER B 23 -23.42 8.22 -30.89
CA SER B 23 -23.45 9.11 -32.06
C SER B 23 -24.50 10.17 -31.76
N GLU B 24 -24.43 11.30 -32.43
CA GLU B 24 -25.39 12.37 -32.18
C GLU B 24 -26.81 11.88 -32.34
N SER B 25 -27.06 11.10 -33.39
CA SER B 25 -28.39 10.58 -33.67
C SER B 25 -28.98 9.69 -32.57
N ARG B 26 -28.15 9.18 -31.70
CA ARG B 26 -28.64 8.31 -30.64
C ARG B 26 -28.43 8.87 -29.25
N LEU B 27 -27.81 10.03 -29.17
CA LEU B 27 -27.54 10.65 -27.89
C LEU B 27 -28.78 10.75 -27.00
N ASP B 28 -29.88 11.27 -27.54
CA ASP B 28 -31.11 11.39 -26.75
C ASP B 28 -31.58 10.08 -26.17
N ASP B 29 -31.52 9.02 -26.96
CA ASP B 29 -31.93 7.72 -26.49
C ASP B 29 -31.00 7.28 -25.37
N TRP B 30 -29.70 7.49 -25.55
CA TRP B 30 -28.73 7.12 -24.52
C TRP B 30 -29.03 7.90 -23.25
N LEU B 31 -29.24 9.20 -23.43
CA LEU B 31 -29.50 10.11 -22.33
C LEU B 31 -30.71 9.69 -21.49
N THR B 32 -31.80 9.30 -22.14
CA THR B 32 -32.99 8.88 -21.41
C THR B 32 -32.76 7.63 -20.54
N GLN B 33 -31.77 6.81 -20.89
CA GLN B 33 -31.49 5.62 -20.11
C GLN B 33 -30.25 5.87 -19.24
N ALA B 34 -29.89 7.15 -19.10
CA ALA B 34 -28.75 7.55 -18.31
C ALA B 34 -28.96 8.96 -17.77
N PRO B 35 -29.89 9.12 -16.83
CA PRO B 35 -30.16 10.44 -16.25
C PRO B 35 -28.91 11.12 -15.74
N ASP B 36 -28.01 10.36 -15.13
CA ASP B 36 -26.78 10.93 -14.64
C ASP B 36 -25.65 10.39 -15.52
N GLY B 37 -25.17 11.22 -16.44
CA GLY B 37 -24.12 10.78 -17.32
C GLY B 37 -23.18 11.87 -17.76
N VAL B 38 -22.19 11.46 -18.53
CA VAL B 38 -21.20 12.36 -19.05
C VAL B 38 -20.81 11.91 -20.45
N VAL B 39 -20.71 12.86 -21.37
CA VAL B 39 -20.32 12.58 -22.74
C VAL B 39 -18.98 13.27 -23.02
N LEU B 40 -17.99 12.47 -23.39
CA LEU B 40 -16.66 12.98 -23.69
C LEU B 40 -16.51 13.35 -25.17
N LEU B 41 -16.20 14.61 -25.43
CA LEU B 41 -16.00 15.09 -26.78
C LEU B 41 -14.50 15.24 -26.98
N SER B 42 -13.96 14.65 -28.04
CA SER B 42 -12.51 14.72 -28.29
C SER B 42 -12.11 15.33 -29.61
N SER B 43 -10.82 15.69 -29.69
CA SER B 43 -10.22 16.27 -30.91
C SER B 43 -9.07 15.35 -31.27
N ASP B 44 -8.46 15.57 -32.42
CA ASP B 44 -7.34 14.74 -32.83
C ASP B 44 -6.17 14.95 -31.86
N PRO B 45 -5.72 13.86 -31.21
CA PRO B 45 -4.61 13.90 -30.25
C PRO B 45 -3.32 14.43 -30.83
N LYS B 46 -3.19 14.33 -32.15
CA LYS B 46 -2.00 14.81 -32.81
C LYS B 46 -1.96 16.34 -32.71
N ARG B 47 -3.04 17.00 -33.13
CA ARG B 47 -3.12 18.46 -33.06
C ARG B 47 -2.89 18.94 -31.62
N THR B 48 -3.55 18.29 -30.67
CA THR B 48 -3.44 18.64 -29.25
C THR B 48 -3.27 17.38 -28.37
N PRO B 49 -2.02 17.04 -28.02
CA PRO B 49 -1.74 15.86 -27.20
C PRO B 49 -2.32 15.92 -25.80
N GLU B 50 -3.16 16.91 -25.55
CA GLU B 50 -3.78 17.07 -24.22
C GLU B 50 -5.04 16.22 -24.10
N VAL B 51 -5.66 15.94 -25.25
CA VAL B 51 -6.88 15.15 -25.32
C VAL B 51 -6.68 13.76 -24.72
N SER B 52 -5.43 13.35 -24.56
CA SER B 52 -5.13 12.03 -24.02
C SER B 52 -5.23 11.96 -22.50
N ASP B 53 -4.99 13.09 -21.86
CA ASP B 53 -5.04 13.16 -20.41
C ASP B 53 -6.47 13.32 -19.90
N ASN B 54 -7.25 14.10 -20.63
CA ASN B 54 -8.64 14.38 -20.25
C ASN B 54 -9.37 13.15 -19.73
N PRO B 55 -9.38 12.07 -20.52
CA PRO B 55 -10.04 10.82 -20.14
C PRO B 55 -9.75 10.36 -18.74
N VAL B 56 -8.48 10.10 -18.47
CA VAL B 56 -8.05 9.63 -17.16
C VAL B 56 -8.62 10.46 -16.02
N MSE B 57 -8.57 11.78 -16.16
CA MSE B 57 -9.07 12.69 -15.15
C MSE B 57 -10.55 12.48 -14.89
O MSE B 57 -10.95 12.16 -13.76
CB MSE B 57 -8.86 14.14 -15.60
CG MSE B 57 -7.41 14.50 -15.82
SE MSE B 57 -6.97 16.21 -14.96
CE MSE B 57 -7.46 17.45 -16.42
N ILE B 58 -11.36 12.68 -15.92
CA ILE B 58 -12.81 12.51 -15.83
C ILE B 58 -13.15 11.24 -15.08
N GLY B 59 -12.41 10.18 -15.35
CA GLY B 59 -12.67 8.93 -14.67
C GLY B 59 -12.62 9.11 -13.16
N GLU B 60 -11.58 9.79 -12.69
CA GLU B 60 -11.41 10.04 -11.27
C GLU B 60 -12.44 11.02 -10.75
N LEU B 61 -12.53 12.16 -11.41
CA LEU B 61 -13.48 13.19 -11.02
C LEU B 61 -14.85 12.59 -10.73
N LEU B 62 -15.24 11.57 -11.49
CA LEU B 62 -16.54 10.97 -11.31
C LEU B 62 -16.84 10.36 -9.93
N HIS B 63 -15.93 9.53 -9.43
CA HIS B 63 -16.18 8.91 -8.13
C HIS B 63 -16.13 9.95 -7.02
N GLU B 64 -15.95 11.22 -7.38
CA GLU B 64 -15.93 12.28 -6.40
C GLU B 64 -17.34 12.73 -6.12
N PHE B 65 -18.29 12.18 -6.86
CA PHE B 65 -19.69 12.52 -6.67
C PHE B 65 -20.51 11.24 -6.70
N PRO B 66 -20.35 10.38 -5.68
CA PRO B 66 -21.06 9.11 -5.55
C PRO B 66 -22.59 9.27 -5.51
N ASP B 67 -23.02 10.48 -5.14
CA ASP B 67 -24.45 10.81 -5.04
C ASP B 67 -25.17 10.54 -6.36
N TYR B 68 -24.41 10.37 -7.44
CA TYR B 68 -25.00 10.16 -8.76
C TYR B 68 -24.69 8.82 -9.35
N THR B 69 -25.56 8.38 -10.25
CA THR B 69 -25.41 7.10 -10.92
C THR B 69 -24.74 7.33 -12.28
N TRP B 70 -23.53 7.87 -12.24
CA TRP B 70 -22.77 8.20 -13.44
C TRP B 70 -22.62 7.11 -14.49
N GLN B 71 -22.78 7.55 -15.74
CA GLN B 71 -22.64 6.66 -16.88
C GLN B 71 -21.82 7.47 -17.91
N VAL B 72 -20.76 6.88 -18.47
CA VAL B 72 -19.90 7.59 -19.41
C VAL B 72 -20.11 7.23 -20.87
N ALA B 73 -20.18 8.26 -21.71
CA ALA B 73 -20.35 8.03 -23.13
C ALA B 73 -19.19 8.69 -23.85
N ILE B 74 -18.80 8.12 -24.99
CA ILE B 74 -17.68 8.68 -25.75
C ILE B 74 -18.04 8.81 -27.21
N ALA B 75 -17.61 9.90 -27.81
CA ALA B 75 -17.90 10.16 -29.20
C ALA B 75 -16.59 10.25 -29.97
N ASP B 76 -16.59 9.67 -31.18
CA ASP B 76 -15.39 9.70 -32.01
C ASP B 76 -15.21 11.10 -32.54
N LEU B 77 -14.20 11.31 -33.37
CA LEU B 77 -13.94 12.65 -33.89
C LEU B 77 -15.11 13.29 -34.62
N GLU B 78 -15.75 12.55 -35.52
CA GLU B 78 -16.86 13.10 -36.27
C GLU B 78 -18.05 13.40 -35.36
N GLN B 79 -18.43 12.43 -34.56
CA GLN B 79 -19.56 12.62 -33.68
C GLN B 79 -19.31 13.70 -32.63
N SER B 80 -18.07 13.85 -32.19
CA SER B 80 -17.77 14.87 -31.20
C SER B 80 -18.09 16.24 -31.76
N GLU B 81 -17.84 16.43 -33.05
CA GLU B 81 -18.13 17.72 -33.65
C GLU B 81 -19.61 17.88 -33.76
N ALA B 82 -20.31 16.79 -34.07
CA ALA B 82 -21.76 16.86 -34.21
C ALA B 82 -22.38 17.23 -32.87
N ILE B 83 -22.12 16.42 -31.85
CA ILE B 83 -22.65 16.66 -30.53
C ILE B 83 -22.22 18.04 -30.01
N GLY B 84 -20.96 18.38 -30.22
CA GLY B 84 -20.48 19.67 -29.78
C GLY B 84 -21.26 20.83 -30.39
N ASP B 85 -21.42 20.79 -31.70
CA ASP B 85 -22.17 21.84 -32.40
C ASP B 85 -23.57 21.97 -31.83
N ARG B 86 -24.18 20.86 -31.45
CA ARG B 86 -25.50 20.89 -30.89
C ARG B 86 -25.55 21.53 -29.53
N PHE B 87 -24.45 21.46 -28.78
CA PHE B 87 -24.42 22.02 -27.42
C PHE B 87 -23.60 23.30 -27.30
N GLY B 88 -23.06 23.77 -28.42
CA GLY B 88 -22.26 24.98 -28.40
C GLY B 88 -20.87 24.76 -27.82
N ALA B 89 -20.42 23.51 -27.75
CA ALA B 89 -19.08 23.28 -27.22
C ALA B 89 -18.05 23.45 -28.32
N PHE B 90 -17.37 24.59 -28.35
CA PHE B 90 -16.36 24.82 -29.38
C PHE B 90 -14.97 24.87 -28.78
N ARG B 91 -14.78 24.20 -27.65
CA ARG B 91 -13.50 24.17 -26.97
C ARG B 91 -13.20 22.75 -26.50
N PHE B 92 -12.51 21.97 -27.32
CA PHE B 92 -12.18 20.59 -27.00
C PHE B 92 -10.79 20.49 -26.40
N PRO B 93 -10.55 19.48 -25.56
CA PRO B 93 -11.47 18.43 -25.14
C PRO B 93 -12.57 19.02 -24.31
N ALA B 94 -13.77 18.46 -24.43
CA ALA B 94 -14.92 18.94 -23.69
C ALA B 94 -15.66 17.77 -23.07
N THR B 95 -16.42 18.05 -22.02
CA THR B 95 -17.16 17.03 -21.36
C THR B 95 -18.53 17.56 -21.00
N LEU B 96 -19.57 16.98 -21.60
CA LEU B 96 -20.93 17.42 -21.34
C LEU B 96 -21.40 16.72 -20.06
N VAL B 97 -22.00 17.48 -19.15
CA VAL B 97 -22.50 16.88 -17.90
C VAL B 97 -24.01 16.85 -17.78
N PHE B 98 -24.55 15.68 -17.47
CA PHE B 98 -25.98 15.53 -17.34
C PHE B 98 -26.36 14.95 -15.97
N THR B 99 -27.29 15.60 -15.30
CA THR B 99 -27.78 15.17 -13.99
C THR B 99 -29.31 15.07 -14.02
N GLY B 100 -29.85 13.95 -13.56
CA GLY B 100 -31.28 13.79 -13.57
C GLY B 100 -31.87 14.08 -14.94
N GLY B 101 -31.23 13.55 -15.98
CA GLY B 101 -31.72 13.75 -17.34
C GLY B 101 -31.65 15.19 -17.80
N ASN B 102 -30.97 16.03 -17.02
CA ASN B 102 -30.83 17.44 -17.36
C ASN B 102 -29.41 17.86 -17.69
N TYR B 103 -29.24 18.62 -18.77
CA TYR B 103 -27.93 19.10 -19.17
C TYR B 103 -27.50 20.19 -18.19
N ARG B 104 -26.39 19.98 -17.48
CA ARG B 104 -25.93 20.98 -16.52
C ARG B 104 -24.87 21.93 -17.07
N GLY B 105 -24.14 21.49 -18.07
CA GLY B 105 -23.10 22.34 -18.63
C GLY B 105 -21.95 21.56 -19.22
N VAL B 106 -20.85 22.24 -19.50
CA VAL B 106 -19.71 21.57 -20.11
C VAL B 106 -18.38 21.93 -19.46
N LEU B 107 -17.57 20.91 -19.19
CA LEU B 107 -16.25 21.14 -18.65
C LEU B 107 -15.31 21.24 -19.85
N ASN B 108 -14.76 22.41 -20.11
CA ASN B 108 -13.85 22.58 -21.23
C ASN B 108 -12.53 23.13 -20.72
N GLY B 109 -11.46 22.88 -21.47
CA GLY B 109 -10.17 23.37 -21.05
C GLY B 109 -9.48 22.39 -20.13
N ILE B 110 -8.34 22.80 -19.59
CA ILE B 110 -7.57 21.96 -18.67
C ILE B 110 -7.22 22.75 -17.41
N HIS B 111 -7.60 22.21 -16.26
CA HIS B 111 -7.33 22.89 -15.00
C HIS B 111 -6.79 21.88 -14.00
N PRO B 112 -6.10 22.39 -12.94
CA PRO B 112 -5.54 21.53 -11.90
C PRO B 112 -6.67 20.67 -11.36
N TRP B 113 -6.33 19.51 -10.81
CA TRP B 113 -7.38 18.63 -10.29
C TRP B 113 -8.31 19.35 -9.30
N ALA B 114 -7.73 20.15 -8.40
CA ALA B 114 -8.52 20.87 -7.43
C ALA B 114 -9.47 21.85 -8.10
N GLU B 115 -9.03 22.40 -9.23
CA GLU B 115 -9.78 23.38 -10.01
C GLU B 115 -10.87 22.70 -10.85
N LEU B 116 -10.81 21.37 -10.91
CA LEU B 116 -11.77 20.60 -11.68
C LEU B 116 -12.96 20.24 -10.81
N ILE B 117 -12.67 19.63 -9.67
CA ILE B 117 -13.72 19.20 -8.74
C ILE B 117 -14.67 20.32 -8.37
N ASN B 118 -14.14 21.51 -8.13
CA ASN B 118 -15.01 22.63 -7.76
C ASN B 118 -15.82 23.08 -8.98
N LEU B 119 -15.23 22.97 -10.18
CA LEU B 119 -15.93 23.34 -11.40
C LEU B 119 -17.12 22.43 -11.62
N MSE B 120 -16.98 21.17 -11.23
CA MSE B 120 -18.06 20.20 -11.38
C MSE B 120 -19.18 20.49 -10.42
O MSE B 120 -20.34 20.40 -10.77
CB MSE B 120 -17.55 18.79 -11.13
CG MSE B 120 -17.50 17.91 -12.37
SE MSE B 120 -19.25 17.40 -13.01
CE MSE B 120 -19.12 15.50 -12.76
N ARG B 121 -18.81 20.84 -9.20
CA ARG B 121 -19.80 21.16 -8.17
C ARG B 121 -20.68 22.32 -8.63
N GLY B 122 -20.08 23.23 -9.40
CA GLY B 122 -20.84 24.37 -9.89
C GLY B 122 -21.79 23.97 -11.01
N LEU B 123 -21.73 22.71 -11.40
CA LEU B 123 -22.57 22.19 -12.47
C LEU B 123 -23.64 21.27 -11.90
N VAL B 124 -23.25 20.40 -10.98
CA VAL B 124 -24.18 19.47 -10.38
C VAL B 124 -24.78 20.01 -9.09
N GLU B 125 -24.53 21.28 -8.79
CA GLU B 125 -25.07 21.89 -7.57
C GLU B 125 -25.31 23.40 -7.70
N THR C 5 -35.21 -27.14 21.47
CA THR C 5 -36.52 -27.15 20.74
C THR C 5 -36.26 -27.30 19.25
N PRO C 6 -37.28 -27.74 18.47
CA PRO C 6 -37.13 -27.91 17.02
C PRO C 6 -36.89 -26.59 16.30
N PHE C 7 -37.71 -25.59 16.60
CA PHE C 7 -37.55 -24.30 15.96
C PHE C 7 -36.17 -23.70 16.19
N ASP C 8 -35.64 -23.84 17.41
CA ASP C 8 -34.31 -23.29 17.70
C ASP C 8 -33.30 -23.86 16.73
N ALA C 9 -33.48 -25.12 16.37
CA ALA C 9 -32.57 -25.77 15.44
C ALA C 9 -32.69 -25.09 14.09
N LEU C 10 -33.94 -24.92 13.63
CA LEU C 10 -34.22 -24.28 12.35
C LEU C 10 -33.67 -22.85 12.35
N TRP C 11 -33.91 -22.14 13.45
CA TRP C 11 -33.44 -20.78 13.57
C TRP C 11 -31.92 -20.70 13.41
N GLN C 12 -31.22 -21.63 14.06
CA GLN C 12 -29.76 -21.66 13.96
C GLN C 12 -29.38 -22.05 12.54
N ARG C 13 -30.16 -22.95 11.95
CA ARG C 13 -29.93 -23.40 10.58
C ARG C 13 -29.95 -22.18 9.66
N MSE C 14 -30.94 -21.32 9.84
CA MSE C 14 -31.06 -20.14 9.01
C MSE C 14 -30.00 -19.10 9.33
O MSE C 14 -29.39 -18.53 8.42
CB MSE C 14 -32.46 -19.54 9.15
CG MSE C 14 -33.55 -20.47 8.64
SE MSE C 14 -35.40 -19.92 9.00
CE MSE C 14 -36.01 -19.80 7.19
N LEU C 15 -29.76 -18.87 10.62
CA LEU C 15 -28.72 -17.91 11.00
C LEU C 15 -27.43 -18.31 10.31
N ALA C 16 -27.14 -19.61 10.26
CA ALA C 16 -25.93 -20.08 9.61
C ALA C 16 -25.83 -19.64 8.14
N ARG C 17 -26.97 -19.52 7.46
CA ARG C 17 -26.97 -19.09 6.08
C ARG C 17 -26.64 -17.61 5.99
N GLY C 18 -26.57 -16.94 7.14
CA GLY C 18 -26.26 -15.52 7.15
C GLY C 18 -27.48 -14.61 7.09
N TRP C 19 -28.66 -15.20 7.09
CA TRP C 19 -29.89 -14.44 7.03
C TRP C 19 -30.06 -13.60 8.29
N THR C 20 -30.65 -12.42 8.15
CA THR C 20 -30.79 -11.53 9.29
C THR C 20 -32.12 -11.53 9.99
N PRO C 21 -32.10 -11.66 11.32
CA PRO C 21 -33.32 -11.67 12.14
C PRO C 21 -34.03 -10.33 12.05
N VAL C 22 -35.35 -10.34 12.03
CA VAL C 22 -36.09 -9.09 11.95
C VAL C 22 -37.34 -9.10 12.81
N SER C 23 -37.69 -7.96 13.39
CA SER C 23 -38.91 -7.87 14.18
C SER C 23 -39.86 -6.93 13.41
N GLU C 24 -41.15 -7.00 13.70
CA GLU C 24 -42.11 -6.14 13.00
C GLU C 24 -41.75 -4.67 13.13
N SER C 25 -41.38 -4.26 14.33
CA SER C 25 -41.04 -2.86 14.60
C SER C 25 -39.86 -2.32 13.78
N ARG C 26 -39.02 -3.21 13.25
CA ARG C 26 -37.87 -2.78 12.48
C ARG C 26 -37.94 -3.19 11.03
N LEU C 27 -39.00 -3.86 10.66
CA LEU C 27 -39.12 -4.34 9.29
C LEU C 27 -38.95 -3.22 8.27
N ASP C 28 -39.67 -2.11 8.44
CA ASP C 28 -39.56 -0.99 7.50
C ASP C 28 -38.12 -0.49 7.34
N ASP C 29 -37.41 -0.39 8.45
CA ASP C 29 -36.04 0.06 8.38
C ASP C 29 -35.21 -0.95 7.57
N TRP C 30 -35.43 -2.23 7.83
CA TRP C 30 -34.70 -3.26 7.10
C TRP C 30 -35.04 -3.19 5.62
N LEU C 31 -36.32 -3.05 5.34
CA LEU C 31 -36.82 -2.98 3.98
C LEU C 31 -36.18 -1.83 3.20
N THR C 32 -36.07 -0.65 3.80
CA THR C 32 -35.47 0.48 3.09
C THR C 32 -34.01 0.23 2.73
N GLN C 33 -33.33 -0.63 3.48
CA GLN C 33 -31.94 -0.91 3.16
C GLN C 33 -31.83 -2.24 2.42
N ALA C 34 -32.98 -2.72 1.91
CA ALA C 34 -33.04 -3.97 1.16
C ALA C 34 -34.22 -3.90 0.19
N PRO C 35 -34.09 -3.12 -0.87
CA PRO C 35 -35.15 -2.99 -1.86
C PRO C 35 -35.60 -4.34 -2.43
N ASP C 36 -34.65 -5.24 -2.62
CA ASP C 36 -34.97 -6.56 -3.14
C ASP C 36 -34.70 -7.55 -2.02
N GLY C 37 -35.77 -8.01 -1.39
CA GLY C 37 -35.60 -8.93 -0.29
C GLY C 37 -36.75 -9.88 -0.07
N VAL C 38 -36.58 -10.74 0.93
CA VAL C 38 -37.57 -11.73 1.25
C VAL C 38 -37.60 -11.92 2.75
N VAL C 39 -38.82 -12.04 3.29
CA VAL C 39 -39.01 -12.23 4.73
C VAL C 39 -39.67 -13.57 4.94
N LEU C 40 -39.01 -14.44 5.68
CA LEU C 40 -39.56 -15.78 5.96
C LEU C 40 -40.37 -15.82 7.23
N LEU C 41 -41.64 -16.18 7.09
CA LEU C 41 -42.54 -16.26 8.23
C LEU C 41 -42.69 -17.72 8.56
N SER C 42 -42.44 -18.11 9.82
CA SER C 42 -42.55 -19.51 10.23
C SER C 42 -43.56 -19.82 11.31
N SER C 43 -43.91 -21.10 11.42
CA SER C 43 -44.82 -21.61 12.45
C SER C 43 -44.04 -22.63 13.24
N ASP C 44 -44.63 -23.15 14.30
CA ASP C 44 -43.94 -24.16 15.11
C ASP C 44 -43.76 -25.42 14.29
N PRO C 45 -42.50 -25.86 14.07
CA PRO C 45 -42.17 -27.06 13.29
C PRO C 45 -42.83 -28.32 13.84
N LYS C 46 -43.17 -28.31 15.13
CA LYS C 46 -43.80 -29.46 15.74
C LYS C 46 -45.19 -29.63 15.13
N ARG C 47 -46.00 -28.57 15.20
CA ARG C 47 -47.35 -28.60 14.64
C ARG C 47 -47.32 -29.02 13.16
N THR C 48 -46.41 -28.42 12.39
CA THR C 48 -46.26 -28.72 10.98
C THR C 48 -44.80 -28.89 10.59
N PRO C 49 -44.31 -30.13 10.53
CA PRO C 49 -42.91 -30.41 10.17
C PRO C 49 -42.52 -29.98 8.76
N GLU C 50 -43.40 -29.25 8.08
CA GLU C 50 -43.13 -28.78 6.74
C GLU C 50 -42.34 -27.48 6.75
N VAL C 51 -42.47 -26.73 7.84
CA VAL C 51 -41.78 -25.45 8.01
C VAL C 51 -40.25 -25.60 7.94
N SER C 52 -39.76 -26.83 8.07
CA SER C 52 -38.33 -27.07 8.03
C SER C 52 -37.78 -27.13 6.61
N ASP C 53 -38.61 -27.54 5.68
CA ASP C 53 -38.21 -27.65 4.28
C ASP C 53 -38.27 -26.32 3.55
N ASN C 54 -39.26 -25.50 3.89
CA ASN C 54 -39.45 -24.20 3.27
C ASN C 54 -38.16 -23.41 3.10
N PRO C 55 -37.39 -23.22 4.19
CA PRO C 55 -36.13 -22.49 4.15
C PRO C 55 -35.20 -22.92 3.04
N VAL C 56 -34.84 -24.20 3.02
CA VAL C 56 -33.94 -24.74 2.01
C VAL C 56 -34.33 -24.36 0.59
N MSE C 57 -35.62 -24.51 0.30
CA MSE C 57 -36.16 -24.18 -1.01
C MSE C 57 -35.93 -22.72 -1.37
O MSE C 57 -35.26 -22.42 -2.35
CB MSE C 57 -37.66 -24.46 -1.03
CG MSE C 57 -38.04 -25.90 -0.74
SE MSE C 57 -39.36 -26.60 -2.03
CE MSE C 57 -41.01 -25.99 -1.16
N ILE C 58 -36.49 -21.82 -0.57
CA ILE C 58 -36.35 -20.40 -0.78
C ILE C 58 -34.91 -20.04 -1.10
N GLY C 59 -33.97 -20.66 -0.41
CA GLY C 59 -32.57 -20.38 -0.67
C GLY C 59 -32.24 -20.59 -2.13
N GLU C 60 -32.68 -21.73 -2.66
CA GLU C 60 -32.44 -22.06 -4.05
C GLU C 60 -33.23 -21.18 -5.01
N LEU C 61 -34.53 -21.09 -4.76
CA LEU C 61 -35.40 -20.28 -5.58
C LEU C 61 -34.80 -18.90 -5.85
N LEU C 62 -34.10 -18.34 -4.86
CA LEU C 62 -33.52 -17.02 -5.00
C LEU C 62 -32.50 -16.84 -6.10
N HIS C 63 -31.52 -17.73 -6.19
CA HIS C 63 -30.51 -17.59 -7.23
C HIS C 63 -31.11 -17.82 -8.62
N GLU C 64 -32.41 -18.09 -8.66
CA GLU C 64 -33.10 -18.30 -9.92
C GLU C 64 -33.48 -16.96 -10.52
N PHE C 65 -33.23 -15.89 -9.78
CA PHE C 65 -33.54 -14.55 -10.24
C PHE C 65 -32.39 -13.63 -9.92
N PRO C 66 -31.22 -13.84 -10.55
CA PRO C 66 -30.01 -13.04 -10.35
C PRO C 66 -30.21 -11.55 -10.62
N ASP C 67 -31.22 -11.24 -11.43
CA ASP C 67 -31.54 -9.87 -11.79
C ASP C 67 -31.78 -8.99 -10.55
N TYR C 68 -31.94 -9.63 -9.40
CA TYR C 68 -32.20 -8.88 -8.17
C TYR C 68 -31.12 -9.02 -7.14
N THR C 69 -31.06 -8.03 -6.25
CA THR C 69 -30.06 -8.01 -5.19
C THR C 69 -30.70 -8.54 -3.91
N TRP C 70 -31.16 -9.79 -3.99
CA TRP C 70 -31.84 -10.45 -2.87
C TRP C 70 -31.15 -10.41 -1.52
N GLN C 71 -31.95 -10.16 -0.50
CA GLN C 71 -31.50 -10.11 0.88
C GLN C 71 -32.59 -10.88 1.66
N VAL C 72 -32.18 -11.79 2.54
CA VAL C 72 -33.14 -12.61 3.29
C VAL C 72 -33.30 -12.22 4.75
N ALA C 73 -34.54 -12.16 5.20
CA ALA C 73 -34.83 -11.81 6.59
C ALA C 73 -35.67 -12.93 7.18
N ILE C 74 -35.48 -13.18 8.47
CA ILE C 74 -36.24 -14.22 9.13
C ILE C 74 -36.84 -13.72 10.41
N ALA C 75 -38.07 -14.16 10.65
CA ALA C 75 -38.79 -13.74 11.86
C ALA C 75 -39.05 -14.96 12.72
N ASP C 76 -38.92 -14.79 14.02
CA ASP C 76 -39.17 -15.88 14.95
C ASP C 76 -40.68 -16.12 15.03
N LEU C 77 -41.12 -17.03 15.88
CA LEU C 77 -42.52 -17.32 15.96
C LEU C 77 -43.43 -16.15 16.30
N GLU C 78 -43.02 -15.34 17.27
CA GLU C 78 -43.86 -14.20 17.66
C GLU C 78 -43.88 -13.14 16.59
N GLN C 79 -42.71 -12.80 16.08
CA GLN C 79 -42.63 -11.77 15.05
C GLN C 79 -43.28 -12.21 13.75
N SER C 80 -43.22 -13.50 13.44
CA SER C 80 -43.84 -13.98 12.22
C SER C 80 -45.32 -13.70 12.26
N GLU C 81 -45.93 -13.86 13.43
CA GLU C 81 -47.36 -13.61 13.55
C GLU C 81 -47.59 -12.11 13.40
N ALA C 82 -46.70 -11.31 13.95
CA ALA C 82 -46.86 -9.87 13.88
C ALA C 82 -46.81 -9.40 12.44
N ILE C 83 -45.69 -9.69 11.79
CA ILE C 83 -45.49 -9.32 10.40
C ILE C 83 -46.60 -9.90 9.52
N GLY C 84 -46.96 -11.15 9.78
CA GLY C 84 -48.00 -11.80 8.99
C GLY C 84 -49.29 -11.03 9.09
N ASP C 85 -49.75 -10.76 10.32
CA ASP C 85 -50.98 -10.02 10.52
C ASP C 85 -50.96 -8.71 9.74
N ARG C 86 -49.80 -8.06 9.71
CA ARG C 86 -49.68 -6.81 9.01
C ARG C 86 -49.81 -6.96 7.48
N PHE C 87 -49.51 -8.13 6.95
CA PHE C 87 -49.58 -8.32 5.51
C PHE C 87 -50.71 -9.25 5.06
N GLY C 88 -51.51 -9.71 6.00
CA GLY C 88 -52.60 -10.61 5.67
C GLY C 88 -52.15 -12.04 5.41
N ALA C 89 -50.94 -12.40 5.79
CA ALA C 89 -50.49 -13.76 5.57
C ALA C 89 -50.98 -14.66 6.70
N PHE C 90 -52.03 -15.43 6.43
CA PHE C 90 -52.56 -16.32 7.46
C PHE C 90 -52.38 -17.78 7.07
N ARG C 91 -51.36 -18.05 6.26
CA ARG C 91 -51.06 -19.39 5.79
C ARG C 91 -49.56 -19.60 5.86
N PHE C 92 -49.09 -20.17 6.96
CA PHE C 92 -47.66 -20.42 7.16
C PHE C 92 -47.31 -21.86 6.82
N PRO C 93 -46.06 -22.10 6.40
CA PRO C 93 -44.97 -21.14 6.20
C PRO C 93 -45.32 -20.20 5.07
N ALA C 94 -44.86 -18.96 5.20
CA ALA C 94 -45.12 -17.96 4.19
C ALA C 94 -43.83 -17.19 3.91
N THR C 95 -43.76 -16.58 2.74
CA THR C 95 -42.58 -15.84 2.36
C THR C 95 -43.01 -14.56 1.68
N LEU C 96 -42.73 -13.44 2.31
CA LEU C 96 -43.10 -12.14 1.75
C LEU C 96 -42.04 -11.75 0.73
N VAL C 97 -42.47 -11.30 -0.45
CA VAL C 97 -41.52 -10.89 -1.47
C VAL C 97 -41.50 -9.38 -1.73
N PHE C 98 -40.30 -8.80 -1.74
CA PHE C 98 -40.16 -7.38 -2.00
C PHE C 98 -39.18 -7.14 -3.13
N THR C 99 -39.59 -6.31 -4.10
CA THR C 99 -38.75 -5.96 -5.23
C THR C 99 -38.72 -4.43 -5.36
N GLY C 100 -37.54 -3.86 -5.50
CA GLY C 100 -37.43 -2.43 -5.62
C GLY C 100 -38.17 -1.70 -4.50
N GLY C 101 -38.03 -2.19 -3.28
CA GLY C 101 -38.69 -1.55 -2.15
C GLY C 101 -40.19 -1.69 -2.17
N ASN C 102 -40.70 -2.51 -3.09
CA ASN C 102 -42.13 -2.72 -3.21
C ASN C 102 -42.58 -4.14 -2.87
N TYR C 103 -43.65 -4.23 -2.10
CA TYR C 103 -44.20 -5.53 -1.71
C TYR C 103 -44.89 -6.15 -2.93
N ARG C 104 -44.43 -7.30 -3.39
CA ARG C 104 -45.03 -7.93 -4.56
C ARG C 104 -46.06 -9.00 -4.23
N GLY C 105 -45.96 -9.59 -3.04
CA GLY C 105 -46.91 -10.62 -2.67
C GLY C 105 -46.33 -11.61 -1.69
N VAL C 106 -47.02 -12.73 -1.50
CA VAL C 106 -46.54 -13.75 -0.57
C VAL C 106 -46.62 -15.16 -1.12
N LEU C 107 -45.56 -15.93 -0.96
CA LEU C 107 -45.56 -17.31 -1.38
C LEU C 107 -46.02 -18.11 -0.16
N ASN C 108 -47.18 -18.73 -0.23
CA ASN C 108 -47.67 -19.53 0.89
C ASN C 108 -47.96 -20.93 0.41
N GLY C 109 -47.93 -21.89 1.32
CA GLY C 109 -48.21 -23.26 0.93
C GLY C 109 -46.95 -23.96 0.47
N ILE C 110 -47.11 -25.19 -0.03
CA ILE C 110 -45.99 -25.98 -0.51
C ILE C 110 -46.30 -26.52 -1.91
N HIS C 111 -45.44 -26.22 -2.86
CA HIS C 111 -45.64 -26.68 -4.24
C HIS C 111 -44.34 -27.25 -4.78
N PRO C 112 -44.44 -28.08 -5.85
CA PRO C 112 -43.26 -28.68 -6.47
C PRO C 112 -42.31 -27.55 -6.84
N TRP C 113 -41.03 -27.86 -6.94
CA TRP C 113 -40.06 -26.82 -7.28
C TRP C 113 -40.44 -26.07 -8.54
N ALA C 114 -40.88 -26.79 -9.57
CA ALA C 114 -41.27 -26.16 -10.83
C ALA C 114 -42.46 -25.22 -10.64
N GLU C 115 -43.33 -25.57 -9.70
CA GLU C 115 -44.53 -24.83 -9.38
C GLU C 115 -44.19 -23.61 -8.52
N LEU C 116 -42.97 -23.57 -8.01
CA LEU C 116 -42.53 -22.48 -7.16
C LEU C 116 -41.94 -21.37 -8.00
N ILE C 117 -40.97 -21.72 -8.84
CA ILE C 117 -40.31 -20.74 -9.70
C ILE C 117 -41.29 -19.91 -10.54
N ASN C 118 -42.29 -20.55 -11.10
CA ASN C 118 -43.26 -19.83 -11.91
C ASN C 118 -44.11 -18.93 -11.01
N LEU C 119 -44.40 -19.37 -9.79
CA LEU C 119 -45.19 -18.57 -8.87
C LEU C 119 -44.43 -17.29 -8.50
N MSE C 120 -43.10 -17.38 -8.46
CA MSE C 120 -42.28 -16.24 -8.13
C MSE C 120 -42.29 -15.25 -9.27
O MSE C 120 -42.39 -14.03 -9.07
CB MSE C 120 -40.85 -16.65 -7.84
CG MSE C 120 -40.44 -16.49 -6.39
SE MSE C 120 -40.25 -14.65 -5.87
CE MSE C 120 -38.38 -14.68 -5.43
N ARG C 121 -42.18 -15.77 -10.49
CA ARG C 121 -42.17 -14.93 -11.67
C ARG C 121 -43.44 -14.10 -11.70
N GLY C 122 -44.54 -14.68 -11.22
CA GLY C 122 -45.81 -13.98 -11.20
C GLY C 122 -45.83 -12.87 -10.15
N LEU C 123 -44.77 -12.79 -9.35
CA LEU C 123 -44.70 -11.79 -8.32
C LEU C 123 -43.68 -10.71 -8.68
N VAL C 124 -42.54 -11.15 -9.21
CA VAL C 124 -41.49 -10.22 -9.59
C VAL C 124 -41.60 -9.76 -11.03
N GLU C 125 -42.76 -10.00 -11.63
CA GLU C 125 -42.99 -9.57 -13.00
C GLU C 125 -44.44 -9.22 -13.27
N THR D 5 -33.66 -34.98 19.87
CA THR D 5 -32.40 -34.96 19.06
C THR D 5 -32.62 -34.32 17.67
N PRO D 6 -31.53 -33.85 17.03
CA PRO D 6 -31.72 -33.24 15.71
C PRO D 6 -32.02 -34.27 14.63
N PHE D 7 -31.21 -35.32 14.57
CA PHE D 7 -31.43 -36.36 13.57
C PHE D 7 -32.83 -36.98 13.65
N ASP D 8 -33.32 -37.23 14.87
CA ASP D 8 -34.64 -37.83 15.03
C ASP D 8 -35.67 -36.98 14.31
N ALA D 9 -35.45 -35.67 14.36
CA ALA D 9 -36.36 -34.74 13.70
C ALA D 9 -36.30 -34.96 12.19
N LEU D 10 -35.08 -35.00 11.67
CA LEU D 10 -34.86 -35.20 10.25
C LEU D 10 -35.44 -36.53 9.82
N TRP D 11 -35.20 -37.57 10.62
CA TRP D 11 -35.71 -38.90 10.32
C TRP D 11 -37.23 -38.89 10.22
N GLN D 12 -37.88 -38.19 11.14
CA GLN D 12 -39.34 -38.11 11.11
C GLN D 12 -39.74 -37.30 9.89
N ARG D 13 -38.96 -36.27 9.59
CA ARG D 13 -39.23 -35.41 8.45
C ARG D 13 -39.27 -36.29 7.19
N MSE D 14 -38.29 -37.19 7.04
CA MSE D 14 -38.24 -38.05 5.87
C MSE D 14 -39.33 -39.10 5.90
O MSE D 14 -40.01 -39.35 4.90
CB MSE D 14 -36.86 -38.69 5.75
CG MSE D 14 -35.77 -37.65 5.52
SE MSE D 14 -34.00 -38.34 5.64
CE MSE D 14 -33.37 -37.88 3.86
N LEU D 15 -39.51 -39.74 7.06
CA LEU D 15 -40.57 -40.75 7.18
C LEU D 15 -41.88 -40.13 6.68
N ALA D 16 -42.15 -38.89 7.07
CA ALA D 16 -43.38 -38.23 6.64
C ALA D 16 -43.52 -38.21 5.11
N ARG D 17 -42.40 -38.08 4.40
CA ARG D 17 -42.46 -38.06 2.94
C ARG D 17 -42.79 -39.46 2.40
N GLY D 18 -42.87 -40.44 3.29
CA GLY D 18 -43.21 -41.79 2.87
C GLY D 18 -42.01 -42.63 2.47
N TRP D 19 -40.81 -42.09 2.62
CA TRP D 19 -39.61 -42.83 2.27
C TRP D 19 -39.43 -44.03 3.20
N THR D 20 -38.86 -45.11 2.68
CA THR D 20 -38.70 -46.32 3.49
C THR D 20 -37.34 -46.55 4.11
N PRO D 21 -37.31 -46.85 5.41
CA PRO D 21 -36.08 -47.11 6.16
C PRO D 21 -35.42 -48.38 5.63
N VAL D 22 -34.10 -48.41 5.57
CA VAL D 22 -33.40 -49.57 5.05
C VAL D 22 -32.11 -49.84 5.83
N SER D 23 -31.77 -51.11 6.00
CA SER D 23 -30.51 -51.45 6.67
C SER D 23 -29.63 -52.11 5.63
N GLU D 24 -28.33 -52.13 5.86
CA GLU D 24 -27.41 -52.73 4.91
C GLU D 24 -27.79 -54.18 4.58
N SER D 25 -28.17 -54.94 5.60
CA SER D 25 -28.54 -56.33 5.44
C SER D 25 -29.73 -56.57 4.54
N ARG D 26 -30.54 -55.54 4.34
CA ARG D 26 -31.73 -55.71 3.52
C ARG D 26 -31.71 -54.87 2.26
N LEU D 27 -30.66 -54.08 2.10
CA LEU D 27 -30.56 -53.23 0.93
C LEU D 27 -30.78 -53.97 -0.39
N ASP D 28 -30.09 -55.09 -0.58
CA ASP D 28 -30.25 -55.87 -1.82
C ASP D 28 -31.69 -56.28 -2.09
N ASP D 29 -32.38 -56.72 -1.04
CA ASP D 29 -33.77 -57.10 -1.20
C ASP D 29 -34.59 -55.89 -1.61
N TRP D 30 -34.33 -54.74 -0.97
CA TRP D 30 -35.07 -53.53 -1.31
C TRP D 30 -34.79 -53.14 -2.75
N LEU D 31 -33.51 -53.17 -3.09
CA LEU D 31 -33.04 -52.84 -4.43
C LEU D 31 -33.73 -53.67 -5.52
N THR D 32 -33.87 -54.99 -5.32
CA THR D 32 -34.51 -55.83 -6.32
C THR D 32 -35.97 -55.47 -6.54
N GLN D 33 -36.63 -54.87 -5.55
CA GLN D 33 -38.02 -54.47 -5.73
C GLN D 33 -38.11 -52.98 -6.00
N ALA D 34 -36.97 -52.39 -6.36
CA ALA D 34 -36.91 -50.97 -6.68
C ALA D 34 -35.76 -50.73 -7.66
N PRO D 35 -35.94 -51.17 -8.91
CA PRO D 35 -34.90 -51.00 -9.92
C PRO D 35 -34.44 -49.53 -10.04
N ASP D 36 -35.37 -48.60 -9.94
CA ASP D 36 -35.03 -47.20 -10.02
C ASP D 36 -35.23 -46.61 -8.63
N GLY D 37 -34.14 -46.42 -7.92
CA GLY D 37 -34.26 -45.87 -6.58
C GLY D 37 -33.08 -45.04 -6.13
N VAL D 38 -33.20 -44.52 -4.92
CA VAL D 38 -32.18 -43.68 -4.35
C VAL D 38 -32.09 -43.96 -2.86
N VAL D 39 -30.86 -44.05 -2.36
CA VAL D 39 -30.61 -44.33 -0.95
C VAL D 39 -29.90 -43.14 -0.34
N LEU D 40 -30.53 -42.52 0.67
CA LEU D 40 -29.95 -41.34 1.33
C LEU D 40 -29.10 -41.72 2.51
N LEU D 41 -27.82 -41.36 2.44
CA LEU D 41 -26.88 -41.64 3.52
C LEU D 41 -26.66 -40.33 4.31
N SER D 42 -26.89 -40.35 5.61
CA SER D 42 -26.72 -39.15 6.43
C SER D 42 -25.63 -39.21 7.50
N SER D 43 -25.29 -38.04 8.02
CA SER D 43 -24.33 -37.89 9.12
C SER D 43 -25.06 -37.16 10.22
N ASP D 44 -24.40 -37.00 11.37
CA ASP D 44 -25.06 -36.30 12.46
C ASP D 44 -25.24 -34.84 12.09
N PRO D 45 -26.49 -34.36 12.07
CA PRO D 45 -26.82 -32.97 11.72
C PRO D 45 -26.12 -31.94 12.61
N LYS D 46 -25.74 -32.38 13.80
CA LYS D 46 -25.05 -31.48 14.72
C LYS D 46 -23.68 -31.17 14.16
N ARG D 47 -22.90 -32.21 13.84
CA ARG D 47 -21.58 -32.00 13.29
C ARG D 47 -21.65 -31.13 12.03
N THR D 48 -22.59 -31.46 11.15
CA THR D 48 -22.78 -30.72 9.89
C THR D 48 -24.25 -30.43 9.63
N PRO D 49 -24.70 -29.21 9.97
CA PRO D 49 -26.11 -28.81 9.78
C PRO D 49 -26.55 -28.76 8.31
N GLU D 50 -25.72 -29.27 7.42
CA GLU D 50 -26.03 -29.28 6.00
C GLU D 50 -26.85 -30.52 5.62
N VAL D 51 -26.70 -31.57 6.42
CA VAL D 51 -27.41 -32.84 6.20
C VAL D 51 -28.93 -32.65 6.24
N SER D 52 -29.40 -31.52 6.75
CA SER D 52 -30.83 -31.26 6.86
C SER D 52 -31.43 -30.75 5.56
N ASP D 53 -30.61 -30.09 4.75
CA ASP D 53 -31.05 -29.55 3.49
C ASP D 53 -31.05 -30.58 2.39
N ASN D 54 -30.06 -31.46 2.41
CA ASN D 54 -29.91 -32.51 1.41
C ASN D 54 -31.25 -33.17 1.06
N PRO D 55 -31.98 -33.70 2.05
CA PRO D 55 -33.26 -34.36 1.83
C PRO D 55 -34.23 -33.58 0.94
N VAL D 56 -34.54 -32.35 1.35
CA VAL D 56 -35.47 -31.53 0.59
C VAL D 56 -35.12 -31.47 -0.88
N MSE D 57 -33.84 -31.25 -1.16
CA MSE D 57 -33.35 -31.15 -2.54
C MSE D 57 -33.62 -32.41 -3.33
O MSE D 57 -34.31 -32.37 -4.35
CB MSE D 57 -31.84 -30.88 -2.54
CG MSE D 57 -31.43 -29.61 -1.81
SE MSE D 57 -30.16 -28.58 -2.84
CE MSE D 57 -28.47 -29.44 -2.27
N ILE D 58 -33.07 -33.52 -2.87
CA ILE D 58 -33.24 -34.81 -3.52
C ILE D 58 -34.69 -35.04 -3.88
N GLY D 59 -35.59 -34.64 -3.00
CA GLY D 59 -37.00 -34.82 -3.27
C GLY D 59 -37.36 -34.15 -4.58
N GLU D 60 -36.91 -32.90 -4.74
CA GLU D 60 -37.20 -32.14 -5.94
C GLU D 60 -36.47 -32.70 -7.14
N LEU D 61 -35.16 -32.86 -7.00
CA LEU D 61 -34.33 -33.40 -8.07
C LEU D 61 -34.98 -34.62 -8.72
N LEU D 62 -35.66 -35.44 -7.92
CA LEU D 62 -36.28 -36.65 -8.45
C LEU D 62 -37.34 -36.46 -9.52
N HIS D 63 -38.30 -35.56 -9.30
CA HIS D 63 -39.34 -35.36 -10.30
C HIS D 63 -38.77 -34.71 -11.55
N GLU D 64 -37.46 -34.48 -11.56
CA GLU D 64 -36.81 -33.90 -12.73
C GLU D 64 -36.47 -35.00 -13.72
N PHE D 65 -36.73 -36.23 -13.34
CA PHE D 65 -36.47 -37.37 -14.21
C PHE D 65 -37.65 -38.33 -14.15
N PRO D 66 -38.83 -37.91 -14.64
CA PRO D 66 -40.05 -38.71 -14.66
C PRO D 66 -39.90 -40.04 -15.39
N ASP D 67 -38.91 -40.10 -16.27
CA ASP D 67 -38.62 -41.29 -17.07
C ASP D 67 -38.38 -42.51 -16.18
N TYR D 68 -38.16 -42.28 -14.89
CA TYR D 68 -37.88 -43.37 -13.97
C TYR D 68 -38.94 -43.55 -12.90
N THR D 69 -39.01 -44.76 -12.37
CA THR D 69 -39.96 -45.11 -11.33
C THR D 69 -39.26 -45.01 -9.96
N TRP D 70 -38.77 -43.81 -9.66
CA TRP D 70 -38.05 -43.55 -8.43
C TRP D 70 -38.71 -44.00 -7.12
N GLN D 71 -37.88 -44.58 -6.26
CA GLN D 71 -38.30 -45.03 -4.96
C GLN D 71 -37.18 -44.56 -4.03
N VAL D 72 -37.53 -43.98 -2.88
CA VAL D 72 -36.52 -43.45 -1.96
C VAL D 72 -36.32 -44.27 -0.70
N ALA D 73 -35.06 -44.47 -0.34
CA ALA D 73 -34.72 -45.25 0.84
C ALA D 73 -33.86 -44.38 1.74
N ILE D 74 -33.99 -44.55 3.04
CA ILE D 74 -33.21 -43.76 3.98
C ILE D 74 -32.56 -44.64 5.02
N ALA D 75 -31.32 -44.34 5.35
CA ALA D 75 -30.60 -45.12 6.33
C ALA D 75 -30.29 -44.22 7.51
N ASP D 76 -30.36 -44.80 8.72
CA ASP D 76 -30.04 -44.03 9.92
C ASP D 76 -28.53 -43.87 9.99
N LEU D 77 -28.04 -43.27 11.07
CA LEU D 77 -26.61 -43.04 11.19
C LEU D 77 -25.73 -44.26 11.11
N GLU D 78 -26.11 -45.33 11.81
CA GLU D 78 -25.29 -46.54 11.80
C GLU D 78 -25.34 -47.23 10.43
N GLN D 79 -26.55 -47.37 9.89
CA GLN D 79 -26.69 -48.01 8.60
C GLN D 79 -26.08 -47.21 7.47
N SER D 80 -26.09 -45.88 7.59
CA SER D 80 -25.50 -45.07 6.54
C SER D 80 -24.01 -45.35 6.44
N GLU D 81 -23.36 -45.58 7.58
CA GLU D 81 -21.94 -45.90 7.56
C GLU D 81 -21.74 -47.28 6.96
N ALA D 82 -22.64 -48.20 7.26
CA ALA D 82 -22.52 -49.54 6.73
C ALA D 82 -22.64 -49.52 5.21
N ILE D 83 -23.77 -49.03 4.74
CA ILE D 83 -24.03 -48.95 3.31
C ILE D 83 -22.93 -48.14 2.61
N GLY D 84 -22.55 -47.01 3.22
CA GLY D 84 -21.52 -46.19 2.62
C GLY D 84 -20.22 -46.97 2.43
N ASP D 85 -19.77 -47.63 3.49
CA ASP D 85 -18.55 -48.41 3.44
C ASP D 85 -18.59 -49.42 2.30
N ARG D 86 -19.76 -50.01 2.09
CA ARG D 86 -19.92 -50.98 1.04
C ARG D 86 -19.85 -50.35 -0.36
N PHE D 87 -20.17 -49.09 -0.49
CA PHE D 87 -20.13 -48.44 -1.79
C PHE D 87 -19.00 -47.43 -1.96
N GLY D 88 -18.17 -47.29 -0.94
CA GLY D 88 -17.07 -46.35 -1.03
C GLY D 88 -17.47 -44.91 -0.82
N ALA D 89 -18.67 -44.67 -0.30
CA ALA D 89 -19.07 -43.29 -0.07
C ALA D 89 -18.54 -42.79 1.26
N PHE D 90 -17.47 -42.00 1.21
CA PHE D 90 -16.89 -41.48 2.45
C PHE D 90 -17.05 -39.97 2.53
N ARG D 91 -18.09 -39.46 1.90
CA ARG D 91 -18.35 -38.02 1.89
C ARG D 91 -19.84 -37.80 2.06
N PHE D 92 -20.27 -37.62 3.30
CA PHE D 92 -21.67 -37.41 3.62
C PHE D 92 -22.00 -35.94 3.76
N PRO D 93 -23.26 -35.55 3.48
CA PRO D 93 -24.39 -36.40 3.05
C PRO D 93 -24.10 -36.95 1.67
N ALA D 94 -24.59 -38.15 1.40
CA ALA D 94 -24.39 -38.79 0.12
C ALA D 94 -25.71 -39.41 -0.33
N THR D 95 -25.83 -39.64 -1.63
CA THR D 95 -27.03 -40.22 -2.18
C THR D 95 -26.65 -41.23 -3.24
N LEU D 96 -26.95 -42.50 -2.99
CA LEU D 96 -26.63 -43.54 -3.95
C LEU D 96 -27.72 -43.58 -4.98
N VAL D 97 -27.36 -43.65 -6.25
CA VAL D 97 -28.37 -43.70 -7.33
C VAL D 97 -28.40 -45.05 -8.04
N PHE D 98 -29.60 -45.58 -8.20
CA PHE D 98 -29.77 -46.86 -8.88
C PHE D 98 -30.80 -46.72 -9.99
N THR D 99 -30.44 -47.21 -11.17
CA THR D 99 -31.34 -47.17 -12.32
C THR D 99 -31.40 -48.58 -12.91
N GLY D 100 -32.61 -49.05 -13.18
CA GLY D 100 -32.75 -50.38 -13.75
C GLY D 100 -31.98 -51.41 -12.93
N GLY D 101 -32.11 -51.35 -11.61
CA GLY D 101 -31.41 -52.30 -10.75
C GLY D 101 -29.90 -52.18 -10.79
N ASN D 102 -29.40 -51.13 -11.41
CA ASN D 102 -27.96 -50.91 -11.54
C ASN D 102 -27.46 -49.67 -10.80
N TYR D 103 -26.38 -49.85 -10.06
CA TYR D 103 -25.79 -48.74 -9.32
C TYR D 103 -25.11 -47.78 -10.30
N ARG D 104 -25.56 -46.53 -10.36
CA ARG D 104 -24.98 -45.57 -11.30
C ARG D 104 -23.92 -44.67 -10.69
N GLY D 105 -23.98 -44.46 -9.38
CA GLY D 105 -23.00 -43.61 -8.75
C GLY D 105 -23.54 -42.97 -7.50
N VAL D 106 -22.81 -41.99 -6.98
CA VAL D 106 -23.21 -41.33 -5.76
C VAL D 106 -23.11 -39.80 -5.83
N LEU D 107 -24.16 -39.11 -5.40
CA LEU D 107 -24.14 -37.67 -5.37
C LEU D 107 -23.63 -37.30 -3.99
N ASN D 108 -22.45 -36.69 -3.91
CA ASN D 108 -21.89 -36.29 -2.63
C ASN D 108 -21.57 -34.82 -2.67
N GLY D 109 -21.53 -34.19 -1.50
CA GLY D 109 -21.23 -32.77 -1.44
C GLY D 109 -22.49 -31.96 -1.61
N ILE D 110 -22.33 -30.64 -1.70
CA ILE D 110 -23.45 -29.72 -1.87
C ILE D 110 -23.16 -28.77 -3.03
N HIS D 111 -24.07 -28.74 -4.00
CA HIS D 111 -23.90 -27.89 -5.16
C HIS D 111 -25.19 -27.15 -5.46
N PRO D 112 -25.11 -26.05 -6.22
CA PRO D 112 -26.30 -25.26 -6.57
C PRO D 112 -27.28 -26.20 -7.26
N TRP D 113 -28.56 -25.87 -7.19
CA TRP D 113 -29.57 -26.73 -7.80
C TRP D 113 -29.23 -27.05 -9.27
N ALA D 114 -28.81 -26.05 -10.03
CA ALA D 114 -28.49 -26.26 -11.43
C ALA D 114 -27.32 -27.24 -11.59
N GLU D 115 -26.41 -27.20 -10.63
CA GLU D 115 -25.21 -28.03 -10.61
C GLU D 115 -25.55 -29.45 -10.15
N LEU D 116 -26.76 -29.63 -9.63
CA LEU D 116 -27.19 -30.92 -9.14
C LEU D 116 -27.84 -31.71 -10.27
N ILE D 117 -28.81 -31.09 -10.93
CA ILE D 117 -29.54 -31.73 -12.02
C ILE D 117 -28.62 -32.26 -13.11
N ASN D 118 -27.60 -31.50 -13.48
CA ASN D 118 -26.67 -31.96 -14.51
C ASN D 118 -25.82 -33.11 -13.98
N LEU D 119 -25.48 -33.07 -12.68
CA LEU D 119 -24.69 -34.13 -12.08
C LEU D 119 -25.46 -35.44 -12.11
N MSE D 120 -26.78 -35.37 -11.97
CA MSE D 120 -27.62 -36.55 -11.99
C MSE D 120 -27.67 -37.13 -13.39
O MSE D 120 -27.61 -38.34 -13.58
CB MSE D 120 -29.03 -36.21 -11.54
CG MSE D 120 -29.40 -36.79 -10.20
SE MSE D 120 -29.62 -38.70 -10.21
CE MSE D 120 -31.50 -38.81 -9.78
N ARG D 121 -27.80 -36.25 -14.37
CA ARG D 121 -27.87 -36.67 -15.75
C ARG D 121 -26.62 -37.47 -16.10
N GLY D 122 -25.50 -37.09 -15.50
CA GLY D 122 -24.25 -37.78 -15.75
C GLY D 122 -24.22 -39.13 -15.09
N LEU D 123 -25.27 -39.45 -14.34
CA LEU D 123 -25.36 -40.74 -13.65
C LEU D 123 -26.40 -41.63 -14.31
N VAL D 124 -27.53 -41.03 -14.63
CA VAL D 124 -28.62 -41.78 -15.24
C VAL D 124 -28.58 -41.70 -16.76
N GLU D 125 -27.55 -41.03 -17.28
CA GLU D 125 -27.39 -40.89 -18.72
C GLU D 125 -26.18 -40.06 -19.14
N THR E 5 -14.38 -21.89 -10.64
CA THR E 5 -13.31 -21.53 -9.64
C THR E 5 -12.02 -22.36 -9.81
N PRO E 6 -10.91 -21.92 -9.18
CA PRO E 6 -9.64 -22.63 -9.27
C PRO E 6 -9.66 -23.97 -8.55
N PHE E 7 -10.12 -23.96 -7.31
CA PHE E 7 -10.16 -25.21 -6.56
C PHE E 7 -11.00 -26.28 -7.25
N ASP E 8 -12.13 -25.90 -7.83
CA ASP E 8 -12.96 -26.88 -8.52
C ASP E 8 -12.14 -27.59 -9.58
N ALA E 9 -11.26 -26.85 -10.21
CA ALA E 9 -10.42 -27.42 -11.26
C ALA E 9 -9.51 -28.45 -10.62
N LEU E 10 -8.86 -28.07 -9.52
CA LEU E 10 -7.96 -28.96 -8.80
C LEU E 10 -8.71 -30.19 -8.32
N TRP E 11 -9.90 -29.97 -7.77
CA TRP E 11 -10.71 -31.07 -7.27
C TRP E 11 -11.01 -32.07 -8.37
N GLN E 12 -11.35 -31.57 -9.56
CA GLN E 12 -11.64 -32.45 -10.67
C GLN E 12 -10.36 -33.14 -11.10
N ARG E 13 -9.25 -32.39 -11.02
CA ARG E 13 -7.95 -32.93 -11.37
C ARG E 13 -7.65 -34.15 -10.51
N MSE E 14 -7.92 -34.05 -9.21
CA MSE E 14 -7.68 -35.16 -8.30
C MSE E 14 -8.69 -36.28 -8.50
O MSE E 14 -8.33 -37.44 -8.54
CB MSE E 14 -7.68 -34.66 -6.86
CG MSE E 14 -6.55 -33.66 -6.61
SE MSE E 14 -6.61 -32.78 -4.87
CE MSE E 14 -4.93 -33.42 -4.19
N LEU E 15 -9.97 -35.92 -8.61
CA LEU E 15 -10.99 -36.94 -8.84
C LEU E 15 -10.57 -37.81 -10.03
N ALA E 16 -10.04 -37.18 -11.07
CA ALA E 16 -9.62 -37.91 -12.28
C ALA E 16 -8.59 -38.97 -11.94
N ARG E 17 -7.73 -38.70 -10.97
CA ARG E 17 -6.71 -39.68 -10.57
C ARG E 17 -7.35 -40.87 -9.84
N GLY E 18 -8.65 -40.78 -9.57
CA GLY E 18 -9.34 -41.85 -8.90
C GLY E 18 -9.33 -41.75 -7.39
N TRP E 19 -8.78 -40.67 -6.86
CA TRP E 19 -8.73 -40.49 -5.42
C TRP E 19 -10.14 -40.30 -4.86
N THR E 20 -10.35 -40.76 -3.63
CA THR E 20 -11.68 -40.67 -3.05
C THR E 20 -11.92 -39.52 -2.08
N PRO E 21 -13.03 -38.81 -2.26
CA PRO E 21 -13.41 -37.68 -1.41
C PRO E 21 -13.71 -38.18 -0.01
N VAL E 22 -13.35 -37.40 1.00
CA VAL E 22 -13.60 -37.82 2.37
C VAL E 22 -14.01 -36.65 3.27
N SER E 23 -14.90 -36.88 4.22
CA SER E 23 -15.29 -35.81 5.14
C SER E 23 -14.79 -36.26 6.51
N GLU E 24 -14.63 -35.32 7.44
CA GLU E 24 -14.14 -35.64 8.76
C GLU E 24 -14.97 -36.73 9.41
N SER E 25 -16.29 -36.63 9.29
CA SER E 25 -17.21 -37.58 9.91
C SER E 25 -17.06 -39.02 9.42
N ARG E 26 -16.44 -39.20 8.27
CA ARG E 26 -16.29 -40.55 7.72
C ARG E 26 -14.85 -40.98 7.61
N LEU E 27 -13.94 -40.10 7.99
CA LEU E 27 -12.51 -40.41 7.90
C LEU E 27 -12.13 -41.73 8.58
N ASP E 28 -12.58 -41.93 9.82
CA ASP E 28 -12.27 -43.18 10.53
C ASP E 28 -12.73 -44.40 9.78
N ASP E 29 -13.92 -44.35 9.22
CA ASP E 29 -14.44 -45.47 8.46
C ASP E 29 -13.55 -45.71 7.25
N TRP E 30 -13.15 -44.62 6.58
CA TRP E 30 -12.30 -44.76 5.39
C TRP E 30 -10.96 -45.35 5.81
N LEU E 31 -10.42 -44.80 6.89
CA LEU E 31 -9.15 -45.25 7.43
C LEU E 31 -9.14 -46.75 7.73
N THR E 32 -10.21 -47.27 8.36
CA THR E 32 -10.24 -48.70 8.68
C THR E 32 -10.20 -49.59 7.45
N GLN E 33 -10.63 -49.08 6.31
CA GLN E 33 -10.61 -49.89 5.09
C GLN E 33 -9.43 -49.46 4.22
N ALA E 34 -8.49 -48.73 4.82
CA ALA E 34 -7.30 -48.27 4.13
C ALA E 34 -6.17 -48.09 5.15
N PRO E 35 -5.63 -49.20 5.66
CA PRO E 35 -4.54 -49.15 6.64
C PRO E 35 -3.37 -48.30 6.15
N ASP E 36 -3.07 -48.38 4.85
CA ASP E 36 -1.98 -47.60 4.29
C ASP E 36 -2.60 -46.58 3.37
N GLY E 37 -2.68 -45.35 3.86
CA GLY E 37 -3.28 -44.31 3.07
C GLY E 37 -2.74 -42.93 3.32
N VAL E 38 -3.26 -41.98 2.55
CA VAL E 38 -2.83 -40.60 2.65
C VAL E 38 -4.04 -39.71 2.43
N VAL E 39 -4.13 -38.66 3.24
CA VAL E 39 -5.23 -37.72 3.15
C VAL E 39 -4.68 -36.36 2.79
N LEU E 40 -5.11 -35.82 1.65
CA LEU E 40 -4.65 -34.51 1.20
C LEU E 40 -5.51 -33.36 1.72
N LEU E 41 -4.89 -32.46 2.46
CA LEU E 41 -5.57 -31.31 3.01
C LEU E 41 -5.17 -30.10 2.15
N SER E 42 -6.16 -29.39 1.61
CA SER E 42 -5.89 -28.23 0.76
C SER E 42 -6.41 -26.89 1.26
N SER E 43 -5.89 -25.81 0.67
CA SER E 43 -6.31 -24.43 0.97
C SER E 43 -6.78 -23.85 -0.34
N ASP E 44 -7.29 -22.63 -0.30
CA ASP E 44 -7.76 -22.01 -1.52
C ASP E 44 -6.55 -21.70 -2.41
N PRO E 45 -6.53 -22.27 -3.63
CA PRO E 45 -5.44 -22.08 -4.60
C PRO E 45 -5.19 -20.61 -4.94
N LYS E 46 -6.21 -19.79 -4.77
CA LYS E 46 -6.09 -18.38 -5.05
C LYS E 46 -5.13 -17.77 -4.03
N ARG E 47 -5.41 -17.96 -2.75
CA ARG E 47 -4.55 -17.42 -1.71
C ARG E 47 -3.10 -17.91 -1.87
N THR E 48 -2.94 -19.20 -2.15
CA THR E 48 -1.62 -19.79 -2.33
C THR E 48 -1.62 -20.74 -3.52
N PRO E 49 -1.15 -20.26 -4.69
CA PRO E 49 -1.10 -21.08 -5.91
C PRO E 49 -0.16 -22.27 -5.83
N GLU E 50 0.31 -22.57 -4.63
CA GLU E 50 1.22 -23.69 -4.43
C GLU E 50 0.44 -24.99 -4.20
N VAL E 51 -0.78 -24.84 -3.71
CA VAL E 51 -1.65 -25.98 -3.43
C VAL E 51 -1.93 -26.80 -4.69
N SER E 52 -1.66 -26.24 -5.86
CA SER E 52 -1.90 -26.94 -7.12
C SER E 52 -0.81 -27.93 -7.46
N ASP E 53 0.40 -27.66 -6.99
CA ASP E 53 1.54 -28.53 -7.26
C ASP E 53 1.60 -29.72 -6.33
N ASN E 54 1.24 -29.48 -5.07
CA ASN E 54 1.27 -30.52 -4.05
C ASN E 54 0.72 -31.86 -4.53
N PRO E 55 -0.49 -31.88 -5.08
CA PRO E 55 -1.12 -33.10 -5.58
C PRO E 55 -0.22 -33.94 -6.49
N VAL E 56 0.24 -33.33 -7.58
CA VAL E 56 1.09 -34.02 -8.53
C VAL E 56 2.25 -34.74 -7.86
N MSE E 57 2.92 -34.03 -6.95
CA MSE E 57 4.05 -34.59 -6.23
C MSE E 57 3.66 -35.84 -5.47
O MSE E 57 4.17 -36.93 -5.73
CB MSE E 57 4.60 -33.54 -5.25
CG MSE E 57 5.03 -32.24 -5.90
SE MSE E 57 6.77 -31.62 -5.28
CE MSE E 57 6.26 -30.67 -3.67
N ILE E 58 2.74 -35.67 -4.52
CA ILE E 58 2.26 -36.79 -3.70
C ILE E 58 1.98 -38.03 -4.54
N GLY E 59 1.43 -37.83 -5.72
CA GLY E 59 1.14 -38.96 -6.57
C GLY E 59 2.41 -39.75 -6.83
N GLU E 60 3.48 -39.03 -7.17
CA GLU E 60 4.77 -39.65 -7.47
C GLU E 60 5.41 -40.25 -6.22
N LEU E 61 5.54 -39.42 -5.19
CA LEU E 61 6.14 -39.83 -3.95
C LEU E 61 5.59 -41.18 -3.51
N LEU E 62 4.32 -41.44 -3.78
CA LEU E 62 3.72 -42.70 -3.37
C LEU E 62 4.33 -43.96 -3.94
N HIS E 63 4.52 -44.02 -5.25
CA HIS E 63 5.08 -45.23 -5.84
C HIS E 63 6.54 -45.43 -5.42
N GLU E 64 7.03 -44.52 -4.58
CA GLU E 64 8.41 -44.62 -4.09
C GLU E 64 8.44 -45.54 -2.90
N PHE E 65 7.28 -46.00 -2.46
CA PHE E 65 7.20 -46.91 -1.32
C PHE E 65 6.22 -48.02 -1.64
N PRO E 66 6.54 -48.87 -2.64
CA PRO E 66 5.69 -49.99 -3.06
C PRO E 66 5.35 -50.95 -1.94
N ASP E 67 6.17 -50.96 -0.91
CA ASP E 67 5.98 -51.83 0.25
C ASP E 67 4.62 -51.64 0.89
N TYR E 68 3.91 -50.56 0.51
CA TYR E 68 2.62 -50.28 1.09
C TYR E 68 1.48 -50.31 0.08
N THR E 69 0.28 -50.55 0.58
CA THR E 69 -0.91 -50.61 -0.24
C THR E 69 -1.62 -49.25 -0.16
N TRP E 70 -0.90 -48.21 -0.60
CA TRP E 70 -1.39 -46.85 -0.58
C TRP E 70 -2.77 -46.60 -1.19
N GLN E 71 -3.52 -45.77 -0.49
CA GLN E 71 -4.84 -45.38 -0.93
C GLN E 71 -4.89 -43.86 -0.66
N VAL E 72 -5.40 -43.07 -1.63
CA VAL E 72 -5.43 -41.62 -1.49
C VAL E 72 -6.81 -41.04 -1.23
N ALA E 73 -6.87 -40.14 -0.25
CA ALA E 73 -8.13 -39.49 0.09
C ALA E 73 -7.94 -37.99 -0.06
N ILE E 74 -9.00 -37.30 -0.46
CA ILE E 74 -8.93 -35.84 -0.61
C ILE E 74 -10.08 -35.18 0.10
N ALA E 75 -9.79 -34.06 0.74
CA ALA E 75 -10.78 -33.30 1.45
C ALA E 75 -10.94 -31.93 0.81
N ASP E 76 -12.20 -31.47 0.70
CA ASP E 76 -12.47 -30.14 0.13
C ASP E 76 -12.03 -29.11 1.14
N LEU E 77 -12.21 -27.84 0.82
CA LEU E 77 -11.79 -26.78 1.71
C LEU E 77 -12.34 -26.86 3.13
N GLU E 78 -13.64 -27.09 3.27
CA GLU E 78 -14.24 -27.13 4.59
C GLU E 78 -13.75 -28.32 5.37
N GLN E 79 -13.78 -29.48 4.73
CA GLN E 79 -13.35 -30.70 5.40
C GLN E 79 -11.86 -30.70 5.72
N SER E 80 -11.05 -30.05 4.89
CA SER E 80 -9.63 -30.01 5.16
C SER E 80 -9.40 -29.29 6.48
N GLU E 81 -10.16 -28.25 6.75
CA GLU E 81 -9.98 -27.53 7.98
C GLU E 81 -10.43 -28.41 9.12
N ALA E 82 -11.50 -29.18 8.91
CA ALA E 82 -12.01 -30.03 9.97
C ALA E 82 -10.98 -31.07 10.34
N ILE E 83 -10.59 -31.85 9.33
CA ILE E 83 -9.61 -32.92 9.52
C ILE E 83 -8.30 -32.34 10.06
N GLY E 84 -7.86 -31.22 9.49
CA GLY E 84 -6.64 -30.59 9.95
C GLY E 84 -6.71 -30.26 11.43
N ASP E 85 -7.79 -29.59 11.83
CA ASP E 85 -7.96 -29.22 13.24
C ASP E 85 -7.85 -30.43 14.14
N ARG E 86 -8.38 -31.55 13.67
CA ARG E 86 -8.36 -32.78 14.45
C ARG E 86 -6.95 -33.37 14.58
N PHE E 87 -6.08 -33.06 13.63
CA PHE E 87 -4.73 -33.62 13.67
C PHE E 87 -3.64 -32.59 13.99
N GLY E 88 -4.05 -31.36 14.23
CA GLY E 88 -3.10 -30.31 14.52
C GLY E 88 -2.36 -29.79 13.29
N ALA E 89 -2.87 -30.07 12.09
CA ALA E 89 -2.21 -29.57 10.91
C ALA E 89 -2.66 -28.15 10.60
N PHE E 90 -1.82 -27.19 10.94
CA PHE E 90 -2.17 -25.79 10.69
C PHE E 90 -1.28 -25.17 9.63
N ARG E 91 -0.74 -26.00 8.76
CA ARG E 91 0.15 -25.54 7.71
C ARG E 91 -0.20 -26.26 6.42
N PHE E 92 -1.05 -25.63 5.62
CA PHE E 92 -1.47 -26.21 4.35
C PHE E 92 -0.67 -25.65 3.20
N PRO E 93 -0.52 -26.42 2.10
CA PRO E 93 -1.06 -27.77 1.88
C PRO E 93 -0.42 -28.74 2.85
N ALA E 94 -1.18 -29.73 3.27
CA ALA E 94 -0.68 -30.74 4.20
C ALA E 94 -1.11 -32.12 3.73
N THR E 95 -0.38 -33.13 4.16
CA THR E 95 -0.67 -34.49 3.77
C THR E 95 -0.53 -35.39 4.98
N LEU E 96 -1.64 -35.98 5.41
CA LEU E 96 -1.62 -36.86 6.57
C LEU E 96 -1.19 -38.22 6.08
N VAL E 97 -0.28 -38.88 6.81
CA VAL E 97 0.19 -40.20 6.40
C VAL E 97 -0.23 -41.29 7.39
N PHE E 98 -0.79 -42.35 6.85
CA PHE E 98 -1.20 -43.48 7.68
C PHE E 98 -0.61 -44.78 7.16
N THR E 99 -0.03 -45.55 8.07
CA THR E 99 0.57 -46.84 7.75
C THR E 99 0.04 -47.88 8.72
N GLY E 100 -0.41 -49.02 8.18
CA GLY E 100 -0.95 -50.06 9.02
C GLY E 100 -2.02 -49.53 9.96
N GLY E 101 -2.93 -48.71 9.44
CA GLY E 101 -3.98 -48.15 10.27
C GLY E 101 -3.50 -47.18 11.34
N ASN E 102 -2.22 -46.83 11.28
CA ASN E 102 -1.62 -45.91 12.23
C ASN E 102 -1.18 -44.57 11.65
N TYR E 103 -1.52 -43.49 12.34
CA TYR E 103 -1.14 -42.16 11.90
C TYR E 103 0.36 -41.96 12.14
N ARG E 104 1.12 -41.74 11.07
CA ARG E 104 2.57 -41.56 11.22
C ARG E 104 3.01 -40.11 11.30
N GLY E 105 2.21 -39.20 10.74
CA GLY E 105 2.59 -37.80 10.77
C GLY E 105 2.00 -37.02 9.61
N VAL E 106 2.50 -35.81 9.41
CA VAL E 106 2.01 -34.96 8.35
C VAL E 106 3.11 -34.27 7.56
N LEU E 107 3.02 -34.35 6.24
CA LEU E 107 3.98 -33.67 5.39
C LEU E 107 3.40 -32.29 5.15
N ASN E 108 4.04 -31.24 5.65
CA ASN E 108 3.57 -29.89 5.42
C ASN E 108 4.67 -29.07 4.78
N GLY E 109 4.27 -28.00 4.09
CA GLY E 109 5.26 -27.17 3.44
C GLY E 109 5.61 -27.68 2.06
N ILE E 110 6.61 -27.06 1.43
CA ILE E 110 7.05 -27.45 0.11
C ILE E 110 8.57 -27.62 0.10
N HIS E 111 9.04 -28.79 -0.30
CA HIS E 111 10.47 -29.07 -0.32
C HIS E 111 10.84 -29.72 -1.63
N PRO E 112 12.13 -29.69 -1.98
CA PRO E 112 12.61 -30.29 -3.23
C PRO E 112 12.18 -31.76 -3.21
N TRP E 113 12.03 -32.37 -4.37
CA TRP E 113 11.63 -33.76 -4.42
C TRP E 113 12.51 -34.66 -3.54
N ALA E 114 13.82 -34.44 -3.61
CA ALA E 114 14.75 -35.25 -2.82
C ALA E 114 14.51 -35.06 -1.32
N GLU E 115 14.09 -33.86 -0.95
CA GLU E 115 13.81 -33.48 0.43
C GLU E 115 12.45 -34.01 0.89
N LEU E 116 11.67 -34.50 -0.07
CA LEU E 116 10.35 -35.02 0.22
C LEU E 116 10.42 -36.51 0.54
N ILE E 117 11.05 -37.27 -0.35
CA ILE E 117 11.19 -38.71 -0.17
C ILE E 117 11.83 -39.08 1.16
N ASN E 118 12.86 -38.35 1.57
CA ASN E 118 13.52 -38.66 2.83
C ASN E 118 12.60 -38.29 4.00
N LEU E 119 11.79 -37.24 3.82
CA LEU E 119 10.86 -36.82 4.86
C LEU E 119 9.80 -37.89 5.08
N MSE E 120 9.42 -38.57 4.01
CA MSE E 120 8.43 -39.64 4.10
C MSE E 120 9.00 -40.84 4.83
O MSE E 120 8.33 -41.46 5.64
CB MSE E 120 7.99 -40.05 2.70
CG MSE E 120 6.55 -39.68 2.38
SE MSE E 120 5.29 -40.75 3.39
CE MSE E 120 4.37 -41.58 1.89
N ARG E 121 10.25 -41.18 4.51
CA ARG E 121 10.91 -42.31 5.13
C ARG E 121 10.94 -42.11 6.65
N GLY E 122 11.04 -40.86 7.08
CA GLY E 122 11.07 -40.57 8.49
C GLY E 122 9.71 -40.71 9.14
N LEU E 123 8.71 -40.99 8.31
CA LEU E 123 7.35 -41.17 8.81
C LEU E 123 6.95 -42.63 8.75
N VAL E 124 7.25 -43.28 7.63
CA VAL E 124 6.90 -44.69 7.45
C VAL E 124 7.96 -45.63 8.00
N GLU E 125 8.76 -45.14 8.92
CA GLU E 125 9.83 -45.91 9.54
C GLU E 125 10.34 -45.11 10.73
N THR F 5 -7.98 -15.42 -16.44
CA THR F 5 -7.92 -16.54 -17.44
C THR F 5 -7.20 -17.77 -16.87
N PRO F 6 -7.16 -18.87 -17.64
CA PRO F 6 -6.47 -20.05 -17.10
C PRO F 6 -4.96 -19.98 -17.37
N PHE F 7 -4.58 -19.67 -18.61
CA PHE F 7 -3.16 -19.57 -18.91
C PHE F 7 -2.43 -18.54 -18.05
N ASP F 8 -3.07 -17.38 -17.80
CA ASP F 8 -2.43 -16.34 -17.00
C ASP F 8 -2.07 -16.92 -15.65
N ALA F 9 -2.92 -17.82 -15.16
CA ALA F 9 -2.67 -18.45 -13.87
C ALA F 9 -1.43 -19.32 -13.96
N LEU F 10 -1.39 -20.14 -15.01
CA LEU F 10 -0.26 -21.02 -15.26
C LEU F 10 1.03 -20.19 -15.44
N TRP F 11 0.93 -19.12 -16.22
CA TRP F 11 2.08 -18.26 -16.47
C TRP F 11 2.61 -17.72 -15.16
N GLN F 12 1.72 -17.29 -14.27
CA GLN F 12 2.17 -16.75 -12.98
C GLN F 12 2.74 -17.87 -12.15
N ARG F 13 2.16 -19.06 -12.29
CA ARG F 13 2.63 -20.23 -11.57
C ARG F 13 4.09 -20.50 -11.94
N MSE F 14 4.42 -20.42 -13.23
CA MSE F 14 5.77 -20.64 -13.68
C MSE F 14 6.68 -19.48 -13.30
O MSE F 14 7.80 -19.69 -12.82
CB MSE F 14 5.79 -20.89 -15.18
CG MSE F 14 5.05 -22.16 -15.58
SE MSE F 14 4.88 -22.47 -17.52
CE MSE F 14 5.71 -24.13 -17.67
N LEU F 15 6.22 -18.26 -13.52
CA LEU F 15 7.03 -17.10 -13.15
C LEU F 15 7.46 -17.24 -11.68
N ALA F 16 6.56 -17.71 -10.83
CA ALA F 16 6.87 -17.89 -9.42
C ALA F 16 8.07 -18.82 -9.24
N ARG F 17 8.21 -19.82 -10.10
CA ARG F 17 9.31 -20.75 -9.99
C ARG F 17 10.61 -20.08 -10.37
N GLY F 18 10.51 -18.85 -10.86
CA GLY F 18 11.71 -18.11 -11.24
C GLY F 18 12.12 -18.30 -12.68
N TRP F 19 11.34 -19.08 -13.42
CA TRP F 19 11.65 -19.33 -14.83
C TRP F 19 11.56 -18.05 -15.65
N THR F 20 12.42 -17.93 -16.66
CA THR F 20 12.44 -16.72 -17.45
C THR F 20 11.69 -16.74 -18.78
N PRO F 21 10.85 -15.70 -19.00
CA PRO F 21 10.04 -15.56 -20.22
C PRO F 21 10.97 -15.37 -21.42
N VAL F 22 10.63 -15.95 -22.55
CA VAL F 22 11.46 -15.84 -23.75
C VAL F 22 10.62 -15.70 -25.01
N SER F 23 11.12 -14.92 -25.97
CA SER F 23 10.41 -14.77 -27.24
C SER F 23 11.29 -15.38 -28.32
N GLU F 24 10.72 -15.80 -29.44
CA GLU F 24 11.53 -16.39 -30.50
C GLU F 24 12.71 -15.53 -30.90
N SER F 25 12.48 -14.23 -31.04
CA SER F 25 13.54 -13.29 -31.45
C SER F 25 14.73 -13.23 -30.49
N ARG F 26 14.55 -13.64 -29.24
CA ARG F 26 15.63 -13.58 -28.28
C ARG F 26 16.10 -14.96 -27.81
N LEU F 27 15.45 -16.00 -28.30
CA LEU F 27 15.81 -17.35 -27.90
C LEU F 27 17.31 -17.64 -28.04
N ASP F 28 17.89 -17.33 -29.21
CA ASP F 28 19.32 -17.57 -29.42
C ASP F 28 20.20 -16.89 -28.41
N ASP F 29 19.87 -15.65 -28.08
CA ASP F 29 20.64 -14.91 -27.09
C ASP F 29 20.52 -15.62 -25.76
N TRP F 30 19.29 -16.04 -25.40
CA TRP F 30 19.08 -16.73 -24.12
C TRP F 30 19.86 -18.01 -24.11
N LEU F 31 19.77 -18.74 -25.22
CA LEU F 31 20.45 -20.02 -25.38
C LEU F 31 21.96 -19.91 -25.17
N THR F 32 22.59 -18.88 -25.73
CA THR F 32 24.04 -18.72 -25.58
C THR F 32 24.45 -18.50 -24.12
N GLN F 33 23.55 -17.98 -23.30
CA GLN F 33 23.91 -17.76 -21.90
C GLN F 33 23.30 -18.86 -21.03
N ALA F 34 22.88 -19.94 -21.69
CA ALA F 34 22.27 -21.09 -21.01
C ALA F 34 22.52 -22.34 -21.83
N PRO F 35 23.78 -22.82 -21.85
CA PRO F 35 24.15 -24.02 -22.61
C PRO F 35 23.29 -25.22 -22.24
N ASP F 36 22.92 -25.32 -20.97
CA ASP F 36 22.07 -26.44 -20.54
C ASP F 36 20.76 -25.81 -20.10
N GLY F 37 19.75 -25.94 -20.96
CA GLY F 37 18.47 -25.36 -20.65
C GLY F 37 17.28 -26.09 -21.25
N VAL F 38 16.11 -25.59 -20.91
CA VAL F 38 14.88 -26.19 -21.37
C VAL F 38 13.87 -25.06 -21.65
N VAL F 39 13.17 -25.18 -22.76
CA VAL F 39 12.17 -24.20 -23.16
C VAL F 39 10.81 -24.86 -23.18
N LEU F 40 9.89 -24.36 -22.36
CA LEU F 40 8.55 -24.93 -22.30
C LEU F 40 7.60 -24.26 -23.28
N LEU F 41 7.06 -25.06 -24.19
CA LEU F 41 6.11 -24.57 -25.18
C LEU F 41 4.70 -24.97 -24.72
N SER F 42 3.78 -24.02 -24.59
CA SER F 42 2.42 -24.36 -24.14
C SER F 42 1.29 -24.06 -25.12
N SER F 43 0.14 -24.64 -24.82
CA SER F 43 -1.10 -24.42 -25.59
C SER F 43 -2.13 -23.87 -24.63
N ASP F 44 -3.29 -23.46 -25.14
CA ASP F 44 -4.33 -22.93 -24.28
C ASP F 44 -4.82 -24.04 -23.36
N PRO F 45 -4.71 -23.85 -22.03
CA PRO F 45 -5.13 -24.82 -21.02
C PRO F 45 -6.60 -25.19 -21.13
N LYS F 46 -7.38 -24.29 -21.72
CA LYS F 46 -8.80 -24.55 -21.90
C LYS F 46 -8.99 -25.70 -22.90
N ARG F 47 -8.39 -25.56 -24.08
CA ARG F 47 -8.50 -26.61 -25.10
C ARG F 47 -8.02 -27.95 -24.54
N THR F 48 -6.87 -27.93 -23.86
CA THR F 48 -6.28 -29.14 -23.28
C THR F 48 -5.79 -28.87 -21.85
N PRO F 49 -6.60 -29.25 -20.83
CA PRO F 49 -6.25 -29.04 -19.42
C PRO F 49 -5.02 -29.83 -18.94
N GLU F 50 -4.29 -30.43 -19.88
CA GLU F 50 -3.10 -31.22 -19.56
C GLU F 50 -1.87 -30.33 -19.48
N VAL F 51 -1.91 -29.22 -20.21
CA VAL F 51 -0.82 -28.25 -20.24
C VAL F 51 -0.48 -27.73 -18.84
N SER F 52 -1.38 -27.92 -17.89
CA SER F 52 -1.19 -27.44 -16.52
C SER F 52 -0.30 -28.35 -15.68
N ASP F 53 -0.29 -29.62 -16.03
CA ASP F 53 0.50 -30.60 -15.30
C ASP F 53 1.94 -30.64 -15.79
N ASN F 54 2.11 -30.49 -17.10
CA ASN F 54 3.42 -30.52 -17.74
C ASN F 54 4.46 -29.77 -16.92
N PRO F 55 4.22 -28.49 -16.60
CA PRO F 55 5.16 -27.67 -15.84
C PRO F 55 5.71 -28.35 -14.59
N VAL F 56 4.81 -28.73 -13.69
CA VAL F 56 5.21 -29.36 -12.45
C VAL F 56 6.19 -30.49 -12.67
N MSE F 57 5.86 -31.37 -13.62
CA MSE F 57 6.70 -32.52 -13.95
C MSE F 57 8.11 -32.11 -14.34
O MSE F 57 9.08 -32.49 -13.69
CB MSE F 57 6.08 -33.31 -15.10
CG MSE F 57 4.69 -33.82 -14.83
SE MSE F 57 4.52 -35.68 -15.33
CE MSE F 57 4.02 -35.47 -17.23
N ILE F 58 8.21 -31.33 -15.41
CA ILE F 58 9.49 -30.85 -15.90
C ILE F 58 10.35 -30.34 -14.75
N GLY F 59 9.72 -29.64 -13.82
CA GLY F 59 10.47 -29.13 -12.69
C GLY F 59 11.21 -30.25 -11.99
N GLU F 60 10.49 -31.33 -11.71
CA GLU F 60 11.07 -32.48 -11.03
C GLU F 60 12.08 -33.21 -11.92
N LEU F 61 11.65 -33.56 -13.12
CA LEU F 61 12.51 -34.25 -14.06
C LEU F 61 13.88 -33.62 -14.12
N LEU F 62 13.96 -32.31 -13.97
CA LEU F 62 15.23 -31.62 -14.05
C LEU F 62 16.27 -32.00 -13.01
N HIS F 63 15.87 -32.02 -11.74
CA HIS F 63 16.85 -32.36 -10.71
C HIS F 63 17.26 -33.83 -10.80
N GLU F 64 16.75 -34.53 -11.81
CA GLU F 64 17.10 -35.92 -12.01
C GLU F 64 18.38 -36.01 -12.82
N PHE F 65 18.87 -34.87 -13.26
CA PHE F 65 20.10 -34.83 -14.04
C PHE F 65 20.97 -33.69 -13.53
N PRO F 66 21.46 -33.79 -12.28
CA PRO F 66 22.30 -32.76 -11.66
C PRO F 66 23.56 -32.46 -12.46
N ASP F 67 23.97 -33.41 -13.28
CA ASP F 67 25.17 -33.27 -14.11
C ASP F 67 25.10 -32.02 -14.99
N TYR F 68 23.92 -31.43 -15.10
CA TYR F 68 23.76 -30.24 -15.94
C TYR F 68 23.37 -29.00 -15.18
N THR F 69 23.70 -27.86 -15.77
CA THR F 69 23.40 -26.57 -15.18
C THR F 69 22.09 -26.03 -15.78
N TRP F 70 21.03 -26.80 -15.59
CA TRP F 70 19.71 -26.48 -16.11
C TRP F 70 19.19 -25.07 -15.86
N GLN F 71 18.61 -24.51 -16.90
CA GLN F 71 18.01 -23.19 -16.85
C GLN F 71 16.68 -23.32 -17.59
N VAL F 72 15.61 -22.81 -17.02
CA VAL F 72 14.28 -22.96 -17.62
C VAL F 72 13.73 -21.70 -18.27
N ALA F 73 13.17 -21.87 -19.46
CA ALA F 73 12.60 -20.74 -20.19
C ALA F 73 11.17 -21.08 -20.54
N ILE F 74 10.31 -20.07 -20.55
CA ILE F 74 8.91 -20.29 -20.87
C ILE F 74 8.43 -19.34 -21.92
N ALA F 75 7.61 -19.84 -22.82
CA ALA F 75 7.07 -19.03 -23.89
C ALA F 75 5.56 -18.95 -23.77
N ASP F 76 5.00 -17.77 -24.01
CA ASP F 76 3.56 -17.61 -23.93
C ASP F 76 2.95 -18.29 -25.14
N LEU F 77 1.64 -18.19 -25.28
CA LEU F 77 0.97 -18.84 -26.40
C LEU F 77 1.48 -18.45 -27.78
N GLU F 78 1.63 -17.16 -28.04
CA GLU F 78 2.10 -16.74 -29.36
C GLU F 78 3.53 -17.18 -29.63
N GLN F 79 4.41 -16.96 -28.66
CA GLN F 79 5.80 -17.31 -28.83
C GLN F 79 6.02 -18.82 -28.87
N SER F 80 5.17 -19.57 -28.18
CA SER F 80 5.32 -21.02 -28.21
C SER F 80 5.09 -21.51 -29.62
N GLU F 81 4.17 -20.89 -30.33
CA GLU F 81 3.91 -21.29 -31.71
C GLU F 81 5.08 -20.89 -32.57
N ALA F 82 5.66 -19.73 -32.30
CA ALA F 82 6.79 -19.26 -33.10
C ALA F 82 7.99 -20.18 -32.94
N ILE F 83 8.40 -20.37 -31.68
CA ILE F 83 9.53 -21.23 -31.37
C ILE F 83 9.27 -22.65 -31.87
N GLY F 84 8.06 -23.16 -31.62
CA GLY F 84 7.71 -24.49 -32.05
C GLY F 84 7.89 -24.65 -33.55
N ASP F 85 7.31 -23.73 -34.33
CA ASP F 85 7.42 -23.79 -35.77
C ASP F 85 8.88 -23.86 -36.20
N ARG F 86 9.73 -23.15 -35.48
CA ARG F 86 11.13 -23.14 -35.81
C ARG F 86 11.81 -24.48 -35.51
N PHE F 87 11.27 -25.24 -34.57
CA PHE F 87 11.88 -26.52 -34.22
C PHE F 87 11.10 -27.74 -34.66
N GLY F 88 10.00 -27.53 -35.35
CA GLY F 88 9.19 -28.64 -35.81
C GLY F 88 8.34 -29.26 -34.72
N ALA F 89 8.16 -28.55 -33.61
CA ALA F 89 7.33 -29.09 -32.54
C ALA F 89 5.87 -28.77 -32.79
N PHE F 90 5.12 -29.75 -33.29
CA PHE F 90 3.70 -29.52 -33.56
C PHE F 90 2.83 -30.36 -32.64
N ARG F 91 3.34 -30.67 -31.46
CA ARG F 91 2.62 -31.47 -30.50
C ARG F 91 2.85 -30.87 -29.12
N PHE F 92 1.93 -30.02 -28.70
CA PHE F 92 2.03 -29.38 -27.40
C PHE F 92 1.18 -30.11 -26.37
N PRO F 93 1.55 -30.03 -25.08
CA PRO F 93 2.70 -29.31 -24.53
C PRO F 93 3.98 -29.97 -25.03
N ALA F 94 4.99 -29.14 -25.25
CA ALA F 94 6.28 -29.61 -25.71
C ALA F 94 7.38 -28.97 -24.90
N THR F 95 8.53 -29.62 -24.85
CA THR F 95 9.66 -29.12 -24.09
C THR F 95 10.93 -29.32 -24.89
N LEU F 96 11.54 -28.22 -25.30
CA LEU F 96 12.77 -28.30 -26.06
C LEU F 96 13.93 -28.49 -25.10
N VAL F 97 14.82 -29.43 -25.40
CA VAL F 97 15.96 -29.69 -24.51
C VAL F 97 17.29 -29.29 -25.14
N PHE F 98 18.07 -28.53 -24.39
CA PHE F 98 19.37 -28.11 -24.87
C PHE F 98 20.47 -28.48 -23.88
N THR F 99 21.53 -29.10 -24.40
CA THR F 99 22.67 -29.51 -23.59
C THR F 99 23.95 -28.96 -24.23
N GLY F 100 24.78 -28.33 -23.41
CA GLY F 100 26.02 -27.78 -23.96
C GLY F 100 25.77 -26.91 -25.18
N GLY F 101 24.75 -26.05 -25.11
CA GLY F 101 24.44 -25.17 -26.22
C GLY F 101 23.93 -25.90 -27.45
N ASN F 102 23.65 -27.19 -27.31
CA ASN F 102 23.17 -28.00 -28.43
C ASN F 102 21.73 -28.51 -28.25
N TYR F 103 20.93 -28.36 -29.29
CA TYR F 103 19.56 -28.84 -29.25
C TYR F 103 19.56 -30.36 -29.30
N ARG F 104 19.03 -31.01 -28.25
CA ARG F 104 19.01 -32.47 -28.20
C ARG F 104 17.71 -33.10 -28.69
N GLY F 105 16.61 -32.36 -28.57
CA GLY F 105 15.33 -32.89 -29.00
C GLY F 105 14.18 -32.25 -28.28
N VAL F 106 13.01 -32.85 -28.40
CA VAL F 106 11.82 -32.30 -27.75
C VAL F 106 10.98 -33.36 -27.06
N LEU F 107 10.59 -33.08 -25.83
CA LEU F 107 9.73 -33.99 -25.09
C LEU F 107 8.30 -33.56 -25.40
N ASN F 108 7.54 -34.38 -26.11
CA ASN F 108 6.16 -34.05 -26.42
C ASN F 108 5.24 -35.14 -25.92
N GLY F 109 3.99 -34.79 -25.66
CA GLY F 109 3.03 -35.77 -25.19
C GLY F 109 3.06 -35.87 -23.69
N ILE F 110 2.36 -36.85 -23.14
CA ILE F 110 2.31 -37.08 -21.70
C ILE F 110 2.57 -38.56 -21.40
N HIS F 111 3.57 -38.83 -20.57
CA HIS F 111 3.90 -40.21 -20.24
C HIS F 111 4.10 -40.34 -18.73
N PRO F 112 4.01 -41.56 -18.21
CA PRO F 112 4.20 -41.80 -16.77
C PRO F 112 5.56 -41.23 -16.39
N TRP F 113 5.73 -40.87 -15.12
CA TRP F 113 7.00 -40.31 -14.70
C TRP F 113 8.19 -41.19 -15.10
N ALA F 114 8.08 -42.50 -14.89
CA ALA F 114 9.16 -43.41 -15.23
C ALA F 114 9.47 -43.38 -16.73
N GLU F 115 8.43 -43.14 -17.52
CA GLU F 115 8.52 -43.09 -18.99
C GLU F 115 9.09 -41.75 -19.46
N LEU F 116 9.18 -40.80 -18.53
CA LEU F 116 9.68 -39.48 -18.84
C LEU F 116 11.19 -39.44 -18.65
N ILE F 117 11.64 -39.85 -17.46
CA ILE F 117 13.05 -39.86 -17.14
C ILE F 117 13.89 -40.59 -18.16
N ASN F 118 13.41 -41.75 -18.61
CA ASN F 118 14.17 -42.52 -19.60
C ASN F 118 14.16 -41.80 -20.95
N LEU F 119 13.06 -41.11 -21.25
CA LEU F 119 12.96 -40.37 -22.50
C LEU F 119 13.96 -39.23 -22.53
N MSE F 120 14.24 -38.66 -21.37
CA MSE F 120 15.19 -37.58 -21.25
C MSE F 120 16.60 -38.09 -21.46
O MSE F 120 17.41 -37.45 -22.13
CB MSE F 120 15.09 -36.91 -19.89
CG MSE F 120 14.50 -35.52 -19.92
SE MSE F 120 15.61 -34.21 -20.73
CE MSE F 120 15.99 -33.10 -19.22
N ARG F 121 16.88 -39.24 -20.87
CA ARG F 121 18.20 -39.85 -20.97
C ARG F 121 18.53 -40.09 -22.44
N GLY F 122 17.50 -40.40 -23.22
CA GLY F 122 17.70 -40.65 -24.64
C GLY F 122 17.97 -39.36 -25.39
N LEU F 123 17.91 -38.23 -24.69
CA LEU F 123 18.15 -36.94 -25.31
C LEU F 123 19.47 -36.34 -24.84
N VAL F 124 19.73 -36.45 -23.55
CA VAL F 124 20.96 -35.93 -22.98
C VAL F 124 22.05 -37.00 -22.87
N GLU F 125 21.71 -38.22 -23.32
CA GLU F 125 22.65 -39.33 -23.25
C GLU F 125 22.51 -40.32 -24.42
N THR G 5 17.43 2.66 31.24
CA THR G 5 18.37 3.46 30.39
C THR G 5 17.69 4.70 29.76
N PRO G 6 18.50 5.61 29.20
CA PRO G 6 18.02 6.83 28.56
C PRO G 6 17.29 6.54 27.25
N PHE G 7 17.88 5.70 26.41
CA PHE G 7 17.25 5.39 25.15
C PHE G 7 15.86 4.76 25.33
N ASP G 8 15.71 3.87 26.31
CA ASP G 8 14.42 3.24 26.55
C ASP G 8 13.37 4.31 26.77
N ALA G 9 13.77 5.40 27.42
CA ALA G 9 12.86 6.49 27.70
C ALA G 9 12.45 7.13 26.37
N LEU G 10 13.45 7.42 25.56
CA LEU G 10 13.22 8.04 24.25
C LEU G 10 12.33 7.11 23.39
N TRP G 11 12.66 5.81 23.41
CA TRP G 11 11.90 4.84 22.63
C TRP G 11 10.43 4.85 23.04
N GLN G 12 10.18 4.91 24.35
CA GLN G 12 8.80 4.94 24.84
C GLN G 12 8.19 6.27 24.43
N ARG G 13 9.00 7.33 24.47
CA ARG G 13 8.52 8.66 24.11
C ARG G 13 8.00 8.61 22.67
N MSE G 14 8.75 7.96 21.78
CA MSE G 14 8.33 7.87 20.37
C MSE G 14 7.15 6.93 20.20
O MSE G 14 6.19 7.25 19.49
CB MSE G 14 9.51 7.46 19.50
CG MSE G 14 10.63 8.50 19.51
SE MSE G 14 12.18 7.89 18.55
CE MSE G 14 12.36 9.31 17.31
N LEU G 15 7.21 5.78 20.84
CA LEU G 15 6.11 4.83 20.74
C LEU G 15 4.82 5.56 21.10
N ALA G 16 4.86 6.40 22.12
CA ALA G 16 3.67 7.13 22.54
C ALA G 16 3.10 7.97 21.39
N ARG G 17 3.96 8.50 20.54
CA ARG G 17 3.50 9.31 19.41
C ARG G 17 2.80 8.42 18.38
N GLY G 18 2.85 7.12 18.58
CA GLY G 18 2.22 6.20 17.66
C GLY G 18 3.11 5.74 16.52
N TRP G 19 4.37 6.17 16.52
CA TRP G 19 5.30 5.79 15.47
C TRP G 19 5.58 4.28 15.53
N THR G 20 5.79 3.67 14.36
CA THR G 20 5.99 2.23 14.31
C THR G 20 7.43 1.75 14.24
N PRO G 21 7.78 0.78 15.10
CA PRO G 21 9.14 0.20 15.16
C PRO G 21 9.42 -0.54 13.88
N VAL G 22 10.66 -0.48 13.40
CA VAL G 22 11.00 -1.15 12.15
C VAL G 22 12.39 -1.76 12.20
N SER G 23 12.58 -2.90 11.57
CA SER G 23 13.91 -3.52 11.51
C SER G 23 14.36 -3.48 10.05
N GLU G 24 15.66 -3.58 9.81
CA GLU G 24 16.14 -3.53 8.44
C GLU G 24 15.48 -4.57 7.54
N SER G 25 15.31 -5.77 8.08
CA SER G 25 14.73 -6.86 7.33
C SER G 25 13.30 -6.61 6.88
N ARG G 26 12.60 -5.69 7.52
CA ARG G 26 11.22 -5.43 7.17
C ARG G 26 10.99 -4.04 6.63
N LEU G 27 12.07 -3.26 6.54
CA LEU G 27 11.95 -1.91 6.05
C LEU G 27 11.25 -1.82 4.70
N ASP G 28 11.68 -2.62 3.73
CA ASP G 28 11.06 -2.59 2.40
C ASP G 28 9.56 -2.84 2.44
N ASP G 29 9.14 -3.80 3.27
CA ASP G 29 7.73 -4.11 3.40
C ASP G 29 7.01 -2.91 3.95
N TRP G 30 7.60 -2.27 4.98
CA TRP G 30 6.99 -1.10 5.59
C TRP G 30 6.91 0.02 4.56
N LEU G 31 8.01 0.22 3.86
CA LEU G 31 8.09 1.25 2.84
C LEU G 31 7.01 1.11 1.76
N THR G 32 6.75 -0.12 1.29
CA THR G 32 5.73 -0.31 0.25
C THR G 32 4.33 0.06 0.74
N GLN G 33 4.10 0.01 2.04
CA GLN G 33 2.79 0.39 2.56
C GLN G 33 2.83 1.80 3.15
N ALA G 34 3.89 2.54 2.82
CA ALA G 34 4.08 3.91 3.29
C ALA G 34 4.91 4.68 2.27
N PRO G 35 4.32 5.00 1.12
CA PRO G 35 5.03 5.73 0.07
C PRO G 35 5.64 7.03 0.57
N ASP G 36 4.93 7.70 1.46
CA ASP G 36 5.44 8.95 2.02
C ASP G 36 5.73 8.68 3.50
N GLY G 37 7.00 8.51 3.81
CA GLY G 37 7.35 8.22 5.18
C GLY G 37 8.71 8.73 5.59
N VAL G 38 9.03 8.50 6.86
CA VAL G 38 10.29 8.92 7.41
C VAL G 38 10.76 7.87 8.41
N VAL G 39 12.05 7.57 8.36
CA VAL G 39 12.65 6.58 9.25
C VAL G 39 13.68 7.28 10.13
N LEU G 40 13.48 7.23 11.45
CA LEU G 40 14.38 7.88 12.39
C LEU G 40 15.47 6.95 12.85
N LEU G 41 16.71 7.34 12.59
CA LEU G 41 17.87 6.55 12.99
C LEU G 41 18.48 7.23 14.20
N SER G 42 18.67 6.49 15.29
CA SER G 42 19.22 7.06 16.52
C SER G 42 20.54 6.46 17.01
N SER G 43 21.19 7.18 17.92
CA SER G 43 22.44 6.75 18.55
C SER G 43 22.17 6.74 20.04
N ASP G 44 23.13 6.27 20.82
CA ASP G 44 22.94 6.24 22.26
C ASP G 44 22.88 7.68 22.77
N PRO G 45 21.77 8.04 23.43
CA PRO G 45 21.56 9.39 23.98
C PRO G 45 22.62 9.79 24.99
N LYS G 46 23.27 8.80 25.60
CA LYS G 46 24.32 9.06 26.56
C LYS G 46 25.51 9.69 25.84
N ARG G 47 26.00 9.01 24.80
CA ARG G 47 27.13 9.54 24.03
C ARG G 47 26.83 10.95 23.50
N THR G 48 25.63 11.14 22.96
CA THR G 48 25.21 12.42 22.41
C THR G 48 23.76 12.75 22.84
N PRO G 49 23.61 13.56 23.89
CA PRO G 49 22.29 13.96 24.40
C PRO G 49 21.44 14.77 23.41
N GLU G 50 21.90 14.87 22.16
CA GLU G 50 21.19 15.62 21.14
C GLU G 50 20.12 14.76 20.46
N VAL G 51 20.35 13.44 20.48
CA VAL G 51 19.44 12.47 19.88
C VAL G 51 18.03 12.57 20.49
N SER G 52 17.92 13.21 21.65
CA SER G 52 16.63 13.34 22.34
C SER G 52 15.76 14.44 21.77
N ASP G 53 16.41 15.45 21.21
CA ASP G 53 15.69 16.58 20.64
C ASP G 53 15.20 16.30 19.22
N ASN G 54 16.02 15.58 18.47
CA ASN G 54 15.72 15.26 17.08
C ASN G 54 14.27 14.84 16.88
N PRO G 55 13.79 13.85 17.64
CA PRO G 55 12.41 13.36 17.54
C PRO G 55 11.36 14.46 17.54
N VAL G 56 11.34 15.25 18.60
CA VAL G 56 10.37 16.32 18.74
C VAL G 56 10.29 17.20 17.50
N MSE G 57 11.46 17.57 16.97
CA MSE G 57 11.55 18.41 15.79
C MSE G 57 10.86 17.77 14.59
O MSE G 57 9.90 18.32 14.03
CB MSE G 57 13.00 18.68 15.44
CG MSE G 57 13.81 19.38 16.53
SE MSE G 57 14.86 20.86 15.83
CE MSE G 57 16.48 19.89 15.31
N ILE G 58 11.37 16.61 14.19
CA ILE G 58 10.82 15.87 13.08
C ILE G 58 9.30 15.83 13.14
N GLY G 59 8.77 15.64 14.33
CA GLY G 59 7.32 15.61 14.48
C GLY G 59 6.70 16.86 13.91
N GLU G 60 7.25 18.00 14.29
CA GLU G 60 6.75 19.29 13.81
C GLU G 60 7.03 19.50 12.33
N LEU G 61 8.28 19.33 11.94
CA LEU G 61 8.67 19.49 10.56
C LEU G 61 7.70 18.80 9.62
N LEU G 62 7.16 17.66 10.04
CA LEU G 62 6.24 16.90 9.19
C LEU G 62 4.97 17.62 8.79
N HIS G 63 4.26 18.20 9.74
CA HIS G 63 3.01 18.88 9.40
C HIS G 63 3.28 20.12 8.55
N GLU G 64 4.54 20.37 8.25
CA GLU G 64 4.91 21.51 7.43
C GLU G 64 4.78 21.15 5.96
N PHE G 65 4.46 19.89 5.68
CA PHE G 65 4.30 19.42 4.32
C PHE G 65 3.06 18.53 4.25
N PRO G 66 1.87 19.12 4.46
CA PRO G 66 0.59 18.40 4.43
C PRO G 66 0.33 17.69 3.11
N ASP G 67 0.99 18.16 2.05
CA ASP G 67 0.86 17.59 0.71
C ASP G 67 1.16 16.10 0.69
N TYR G 68 1.79 15.60 1.77
CA TYR G 68 2.15 14.19 1.84
C TYR G 68 1.44 13.43 2.93
N THR G 69 1.33 12.12 2.72
CA THR G 69 0.68 11.24 3.67
C THR G 69 1.75 10.61 4.58
N TRP G 70 2.48 11.47 5.29
CA TRP G 70 3.56 11.05 6.17
C TRP G 70 3.26 9.93 7.15
N GLN G 71 4.22 9.03 7.26
CA GLN G 71 4.14 7.91 8.18
C GLN G 71 5.55 7.82 8.81
N VAL G 72 5.63 7.70 10.13
CA VAL G 72 6.91 7.68 10.83
C VAL G 72 7.34 6.29 11.33
N ALA G 73 8.59 5.96 11.08
CA ALA G 73 9.14 4.68 11.52
C ALA G 73 10.34 4.96 12.38
N ILE G 74 10.57 4.11 13.36
CA ILE G 74 11.71 4.29 14.27
C ILE G 74 12.49 3.01 14.42
N ALA G 75 13.80 3.14 14.45
CA ALA G 75 14.67 2.00 14.58
C ALA G 75 15.45 2.12 15.87
N ASP G 76 15.63 0.97 16.54
CA ASP G 76 16.39 0.95 17.80
C ASP G 76 17.85 1.10 17.45
N LEU G 77 18.70 1.05 18.46
CA LEU G 77 20.13 1.22 18.23
C LEU G 77 20.75 0.27 17.22
N GLU G 78 20.46 -1.02 17.36
CA GLU G 78 21.03 -2.00 16.45
C GLU G 78 20.50 -1.84 15.02
N GLN G 79 19.18 -1.71 14.89
CA GLN G 79 18.59 -1.55 13.58
C GLN G 79 18.97 -0.22 12.92
N SER G 80 19.16 0.82 13.72
CA SER G 80 19.55 2.10 13.14
C SER G 80 20.88 1.95 12.42
N GLU G 81 21.78 1.16 12.99
CA GLU G 81 23.08 0.96 12.36
C GLU G 81 22.90 0.15 11.11
N ALA G 82 22.01 -0.82 11.16
CA ALA G 82 21.77 -1.67 9.99
C ALA G 82 21.22 -0.84 8.84
N ILE G 83 20.08 -0.18 9.08
CA ILE G 83 19.44 0.65 8.08
C ILE G 83 20.39 1.75 7.61
N GLY G 84 21.10 2.38 8.55
CA GLY G 84 22.03 3.42 8.20
C GLY G 84 23.09 2.92 7.23
N ASP G 85 23.72 1.80 7.56
CA ASP G 85 24.74 1.22 6.70
C ASP G 85 24.21 1.00 5.29
N ARG G 86 22.95 0.60 5.19
CA ARG G 86 22.37 0.35 3.91
C ARG G 86 22.13 1.61 3.12
N PHE G 87 22.01 2.74 3.79
CA PHE G 87 21.75 3.99 3.07
C PHE G 87 22.91 4.97 3.10
N GLY G 88 24.01 4.56 3.70
CA GLY G 88 25.18 5.42 3.77
C GLY G 88 25.06 6.52 4.82
N ALA G 89 24.12 6.38 5.75
CA ALA G 89 24.00 7.40 6.77
C ALA G 89 24.96 7.12 7.92
N PHE G 90 26.06 7.85 7.96
CA PHE G 90 27.04 7.65 9.01
C PHE G 90 27.13 8.86 9.93
N ARG G 91 26.04 9.59 10.01
CA ARG G 91 25.99 10.79 10.84
C ARG G 91 24.64 10.82 11.57
N PHE G 92 24.63 10.29 12.78
CA PHE G 92 23.42 10.24 13.59
C PHE G 92 23.37 11.39 14.58
N PRO G 93 22.16 11.83 14.96
CA PRO G 93 20.84 11.33 14.54
C PRO G 93 20.64 11.62 13.08
N ALA G 94 19.93 10.73 12.40
CA ALA G 94 19.66 10.87 10.98
C ALA G 94 18.18 10.54 10.73
N THR G 95 17.67 11.05 9.62
CA THR G 95 16.30 10.84 9.28
C THR G 95 16.20 10.58 7.78
N LEU G 96 15.80 9.37 7.43
CA LEU G 96 15.68 9.01 6.03
C LEU G 96 14.32 9.51 5.53
N VAL G 97 14.30 10.15 4.37
CA VAL G 97 13.05 10.66 3.83
C VAL G 97 12.59 9.92 2.58
N PHE G 98 11.33 9.51 2.57
CA PHE G 98 10.77 8.81 1.43
C PHE G 98 9.50 9.48 0.94
N THR G 99 9.43 9.73 -0.36
CA THR G 99 8.26 10.36 -0.98
C THR G 99 7.82 9.50 -2.17
N GLY G 100 6.54 9.20 -2.23
CA GLY G 100 6.04 8.39 -3.32
C GLY G 100 6.85 7.10 -3.48
N GLY G 101 7.15 6.43 -2.36
CA GLY G 101 7.89 5.19 -2.40
C GLY G 101 9.32 5.37 -2.86
N ASN G 102 9.77 6.62 -2.96
CA ASN G 102 11.13 6.91 -3.40
C ASN G 102 12.00 7.56 -2.32
N TYR G 103 13.21 7.07 -2.17
CA TYR G 103 14.15 7.61 -1.21
C TYR G 103 14.64 8.97 -1.69
N ARG G 104 14.38 10.03 -0.95
CA ARG G 104 14.80 11.37 -1.37
C ARG G 104 16.11 11.81 -0.76
N GLY G 105 16.46 11.28 0.40
CA GLY G 105 17.71 11.69 1.02
C GLY G 105 17.67 11.52 2.52
N VAL G 106 18.64 12.11 3.21
CA VAL G 106 18.70 11.98 4.65
C VAL G 106 19.00 13.30 5.35
N LEU G 107 18.22 13.60 6.40
CA LEU G 107 18.46 14.81 7.18
C LEU G 107 19.42 14.39 8.29
N ASN G 108 20.64 14.89 8.29
CA ASN G 108 21.59 14.55 9.34
C ASN G 108 22.09 15.82 9.97
N GLY G 109 22.55 15.72 11.22
CA GLY G 109 23.05 16.89 11.90
C GLY G 109 21.95 17.62 12.61
N ILE G 110 22.27 18.79 13.16
CA ILE G 110 21.29 19.61 13.87
C ILE G 110 21.36 21.05 13.36
N HIS G 111 20.23 21.56 12.90
CA HIS G 111 20.20 22.93 12.38
C HIS G 111 18.99 23.65 12.94
N PRO G 112 19.01 24.99 12.90
CA PRO G 112 17.90 25.81 13.41
C PRO G 112 16.64 25.35 12.70
N TRP G 113 15.48 25.56 13.34
CA TRP G 113 14.23 25.13 12.73
C TRP G 113 14.07 25.66 11.30
N ALA G 114 14.40 26.93 11.09
CA ALA G 114 14.29 27.52 9.76
C ALA G 114 15.19 26.84 8.75
N GLU G 115 16.33 26.38 9.25
CA GLU G 115 17.35 25.70 8.43
C GLU G 115 16.96 24.25 8.16
N LEU G 116 15.94 23.77 8.87
CA LEU G 116 15.48 22.40 8.71
C LEU G 116 14.43 22.34 7.62
N ILE G 117 13.40 23.18 7.74
CA ILE G 117 12.31 23.20 6.77
C ILE G 117 12.79 23.37 5.35
N ASN G 118 13.75 24.25 5.13
CA ASN G 118 14.28 24.47 3.79
C ASN G 118 15.07 23.26 3.32
N LEU G 119 15.76 22.59 4.25
CA LEU G 119 16.53 21.40 3.93
C LEU G 119 15.60 20.29 3.45
N MSE G 120 14.41 20.23 4.04
CA MSE G 120 13.42 19.22 3.66
C MSE G 120 12.88 19.49 2.27
O MSE G 120 12.71 18.58 1.46
CB MSE G 120 12.26 19.21 4.65
CG MSE G 120 12.23 17.95 5.51
SE MSE G 120 11.75 16.32 4.54
CE MSE G 120 10.09 15.97 5.46
N ARG G 121 12.61 20.76 2.00
CA ARG G 121 12.08 21.15 0.70
C ARG G 121 13.06 20.72 -0.39
N GLY G 122 14.34 20.74 -0.08
CA GLY G 122 15.34 20.35 -1.05
C GLY G 122 15.37 18.85 -1.26
N LEU G 123 14.55 18.14 -0.48
CA LEU G 123 14.49 16.69 -0.59
C LEU G 123 13.18 16.25 -1.21
N VAL G 124 12.09 16.88 -0.79
CA VAL G 124 10.77 16.55 -1.31
C VAL G 124 10.40 17.38 -2.52
N GLU G 125 11.39 18.04 -3.13
CA GLU G 125 11.17 18.84 -4.32
C GLU G 125 12.42 19.53 -4.86
N THR H 5 26.68 31.75 10.33
CA THR H 5 27.78 30.98 10.97
C THR H 5 28.94 30.72 9.97
N PRO H 6 30.22 30.86 10.41
CA PRO H 6 31.35 30.63 9.51
C PRO H 6 31.59 29.15 9.19
N PHE H 7 31.63 28.34 10.23
CA PHE H 7 31.84 26.92 10.03
C PHE H 7 30.84 26.34 9.05
N ASP H 8 29.61 26.86 9.05
CA ASP H 8 28.56 26.35 8.14
C ASP H 8 29.00 26.54 6.68
N ALA H 9 29.70 27.63 6.42
CA ALA H 9 30.22 27.94 5.09
C ALA H 9 31.24 26.86 4.77
N LEU H 10 32.10 26.58 5.75
CA LEU H 10 33.10 25.55 5.59
C LEU H 10 32.38 24.20 5.44
N TRP H 11 31.52 23.84 6.40
CA TRP H 11 30.79 22.57 6.32
C TRP H 11 30.15 22.38 4.91
N GLN H 12 29.48 23.42 4.41
CA GLN H 12 28.83 23.37 3.09
C GLN H 12 29.83 23.18 1.94
N ARG H 13 30.99 23.77 2.13
CA ARG H 13 32.09 23.71 1.19
C ARG H 13 32.53 22.24 1.15
N MSE H 14 32.83 21.67 2.31
CA MSE H 14 33.27 20.27 2.39
C MSE H 14 32.22 19.31 1.84
O MSE H 14 32.56 18.36 1.11
CB MSE H 14 33.64 19.90 3.83
CG MSE H 14 34.97 20.51 4.26
SE MSE H 14 35.35 20.43 6.16
CE MSE H 14 37.00 19.47 6.12
N LEU H 15 30.96 19.54 2.17
CA LEU H 15 29.89 18.69 1.68
C LEU H 15 29.89 18.68 0.17
N ALA H 16 30.13 19.86 -0.39
CA ALA H 16 30.17 20.03 -1.85
C ALA H 16 31.23 19.18 -2.56
N ARG H 17 32.39 18.97 -1.89
CA ARG H 17 33.44 18.15 -2.49
C ARG H 17 33.02 16.69 -2.46
N GLY H 18 32.04 16.36 -1.62
CA GLY H 18 31.58 14.99 -1.54
C GLY H 18 31.95 14.29 -0.24
N TRP H 19 32.65 14.98 0.64
CA TRP H 19 33.07 14.39 1.91
C TRP H 19 31.88 14.10 2.81
N THR H 20 31.85 12.88 3.35
CA THR H 20 30.75 12.40 4.19
C THR H 20 30.82 12.64 5.70
N PRO H 21 29.79 13.31 6.26
CA PRO H 21 29.61 13.65 7.67
C PRO H 21 29.76 12.37 8.47
N VAL H 22 30.38 12.45 9.62
CA VAL H 22 30.53 11.26 10.41
C VAL H 22 30.32 11.69 11.85
N SER H 23 29.68 10.83 12.64
CA SER H 23 29.40 11.07 14.06
C SER H 23 30.16 9.97 14.83
N GLU H 24 30.92 10.36 15.83
CA GLU H 24 31.71 9.42 16.62
C GLU H 24 31.12 8.03 16.72
N SER H 25 29.89 7.99 17.20
CA SER H 25 29.15 6.74 17.38
C SER H 25 29.10 5.85 16.15
N ARG H 26 29.49 6.37 14.99
CA ARG H 26 29.40 5.56 13.77
C ARG H 26 30.68 5.38 13.01
N LEU H 27 31.73 6.08 13.45
CA LEU H 27 33.03 6.06 12.79
C LEU H 27 33.60 4.66 12.46
N ASP H 28 33.47 3.72 13.38
CA ASP H 28 33.99 2.40 13.13
C ASP H 28 33.38 1.86 11.86
N ASP H 29 32.06 1.79 11.84
CA ASP H 29 31.40 1.32 10.64
C ASP H 29 31.93 2.04 9.41
N TRP H 30 31.95 3.37 9.40
CA TRP H 30 32.47 4.10 8.23
C TRP H 30 33.89 3.65 7.92
N LEU H 31 34.68 3.57 8.97
CA LEU H 31 36.07 3.12 8.88
C LEU H 31 36.12 1.76 8.19
N THR H 32 35.21 0.86 8.57
CA THR H 32 35.19 -0.46 7.95
C THR H 32 35.13 -0.34 6.43
N GLN H 33 34.21 0.45 5.88
CA GLN H 33 34.12 0.57 4.42
C GLN H 33 35.12 1.55 3.83
N ALA H 34 35.92 2.17 4.69
CA ALA H 34 36.92 3.11 4.21
C ALA H 34 38.31 2.63 4.60
N PRO H 35 38.77 1.54 3.98
CA PRO H 35 40.11 1.06 4.35
C PRO H 35 41.16 2.17 4.20
N ASP H 36 40.93 3.07 3.26
CA ASP H 36 41.84 4.19 3.00
C ASP H 36 41.11 5.49 3.12
N GLY H 37 41.26 6.16 4.25
CA GLY H 37 40.57 7.42 4.44
C GLY H 37 41.08 8.30 5.56
N VAL H 38 40.61 9.55 5.58
CA VAL H 38 40.99 10.51 6.62
C VAL H 38 39.72 11.12 7.19
N VAL H 39 39.80 11.45 8.45
CA VAL H 39 38.70 12.03 9.19
C VAL H 39 39.24 13.35 9.68
N LEU H 40 38.60 14.42 9.24
CA LEU H 40 38.98 15.76 9.56
C LEU H 40 38.38 16.19 10.87
N LEU H 41 39.21 16.48 11.87
CA LEU H 41 38.70 16.93 13.14
C LEU H 41 38.83 18.45 13.20
N SER H 42 37.73 19.18 13.17
CA SER H 42 37.86 20.63 13.22
C SER H 42 37.52 21.26 14.56
N SER H 43 37.86 22.54 14.69
CA SER H 43 37.59 23.32 15.89
C SER H 43 36.88 24.57 15.43
N ASP H 44 36.18 25.24 16.34
CA ASP H 44 35.44 26.46 15.99
C ASP H 44 36.34 27.49 15.30
N PRO H 45 36.12 27.72 14.00
CA PRO H 45 36.94 28.69 13.26
C PRO H 45 37.05 30.08 13.87
N LYS H 46 36.21 30.39 14.84
CA LYS H 46 36.27 31.70 15.49
C LYS H 46 37.56 31.94 16.27
N ARG H 47 38.02 30.89 16.98
CA ARG H 47 39.26 30.95 17.79
C ARG H 47 40.41 31.60 17.01
N THR H 48 40.77 30.97 15.90
CA THR H 48 41.84 31.44 15.02
C THR H 48 41.47 31.08 13.57
N PRO H 49 41.49 32.09 12.66
CA PRO H 49 41.16 31.96 11.23
C PRO H 49 42.11 31.08 10.38
N GLU H 50 42.50 29.96 10.97
CA GLU H 50 43.39 28.97 10.36
C GLU H 50 42.61 27.72 9.95
N VAL H 51 41.73 27.25 10.82
CA VAL H 51 40.93 26.07 10.53
C VAL H 51 40.19 26.27 9.20
N SER H 52 40.08 27.52 8.75
CA SER H 52 39.37 27.84 7.51
C SER H 52 40.09 27.34 6.26
N ASP H 53 41.39 27.20 6.37
CA ASP H 53 42.18 26.76 5.25
C ASP H 53 42.71 25.33 5.45
N ASN H 54 42.56 24.78 6.64
CA ASN H 54 43.04 23.46 6.93
C ASN H 54 42.46 22.40 5.98
N PRO H 55 41.14 22.34 5.85
CA PRO H 55 40.46 21.37 4.99
C PRO H 55 40.94 21.34 3.54
N VAL H 56 40.99 22.50 2.89
CA VAL H 56 41.45 22.55 1.52
C VAL H 56 42.84 21.97 1.38
N MSE H 57 43.68 22.16 2.39
CA MSE H 57 45.04 21.65 2.32
C MSE H 57 45.05 20.12 2.40
O MSE H 57 45.78 19.47 1.67
CB MSE H 57 45.91 22.18 3.46
CG MSE H 57 46.46 23.58 3.31
SE MSE H 57 48.13 23.87 4.35
CE MSE H 57 47.61 23.02 6.07
N ILE H 58 44.24 19.57 3.28
CA ILE H 58 44.22 18.14 3.43
C ILE H 58 43.73 17.52 2.13
N GLY H 59 42.73 18.13 1.51
CA GLY H 59 42.20 17.63 0.25
C GLY H 59 43.30 17.55 -0.81
N GLU H 60 44.12 18.59 -0.91
CA GLU H 60 45.21 18.61 -1.87
C GLU H 60 46.29 17.64 -1.48
N LEU H 61 46.66 17.65 -0.21
CA LEU H 61 47.68 16.73 0.25
C LEU H 61 47.38 15.33 -0.24
N LEU H 62 46.12 14.91 -0.19
CA LEU H 62 45.77 13.56 -0.61
C LEU H 62 46.28 13.13 -1.98
N HIS H 63 46.14 14.00 -2.97
CA HIS H 63 46.59 13.67 -4.32
C HIS H 63 48.11 13.50 -4.36
N GLU H 64 48.78 13.65 -3.24
CA GLU H 64 50.22 13.48 -3.23
C GLU H 64 50.55 12.01 -3.12
N PHE H 65 49.54 11.19 -2.89
CA PHE H 65 49.73 9.75 -2.75
C PHE H 65 48.62 9.06 -3.52
N PRO H 66 48.65 9.16 -4.85
CA PRO H 66 47.68 8.58 -5.79
C PRO H 66 47.42 7.11 -5.68
N ASP H 67 48.32 6.38 -5.04
CA ASP H 67 48.13 4.97 -4.92
C ASP H 67 46.89 4.60 -4.08
N TYR H 68 46.75 5.22 -2.91
CA TYR H 68 45.60 4.93 -2.01
C TYR H 68 44.30 5.45 -2.57
N THR H 69 43.22 4.77 -2.24
CA THR H 69 41.95 5.20 -2.74
C THR H 69 41.21 6.02 -1.69
N TRP H 70 41.89 7.04 -1.19
CA TRP H 70 41.35 7.91 -0.14
C TRP H 70 39.85 8.19 -0.09
N GLN H 71 39.30 8.20 1.13
CA GLN H 71 37.89 8.50 1.37
C GLN H 71 37.88 9.49 2.53
N VAL H 72 37.28 10.67 2.34
CA VAL H 72 37.25 11.73 3.36
C VAL H 72 36.01 11.77 4.29
N ALA H 73 36.21 11.92 5.60
CA ALA H 73 35.09 12.03 6.56
C ALA H 73 35.25 13.33 7.34
N ILE H 74 34.14 14.02 7.56
CA ILE H 74 34.19 15.26 8.31
C ILE H 74 33.30 15.20 9.55
N ALA H 75 33.78 15.80 10.63
CA ALA H 75 33.04 15.81 11.87
C ALA H 75 32.79 17.24 12.26
N ASP H 76 31.57 17.54 12.65
CA ASP H 76 31.27 18.92 13.03
C ASP H 76 31.90 19.24 14.36
N LEU H 77 31.87 20.51 14.75
CA LEU H 77 32.47 20.93 16.00
C LEU H 77 32.15 19.96 17.13
N GLU H 78 30.92 19.50 17.19
CA GLU H 78 30.52 18.60 18.25
C GLU H 78 31.29 17.26 18.25
N GLN H 79 31.16 16.55 17.14
CA GLN H 79 31.79 15.25 16.91
C GLN H 79 33.31 15.28 16.87
N SER H 80 33.87 16.34 16.31
CA SER H 80 35.32 16.46 16.22
C SER H 80 35.87 16.26 17.63
N GLU H 81 35.18 16.82 18.61
CA GLU H 81 35.65 16.67 19.99
C GLU H 81 35.57 15.24 20.50
N ALA H 82 34.40 14.61 20.34
CA ALA H 82 34.19 13.24 20.82
C ALA H 82 35.22 12.30 20.22
N ILE H 83 35.27 12.27 18.89
CA ILE H 83 36.21 11.43 18.18
C ILE H 83 37.64 11.67 18.64
N GLY H 84 38.07 12.92 18.65
CA GLY H 84 39.43 13.25 19.08
C GLY H 84 39.69 12.86 20.52
N ASP H 85 38.68 13.00 21.36
CA ASP H 85 38.87 12.62 22.74
C ASP H 85 39.19 11.14 22.75
N ARG H 86 38.55 10.38 21.88
CA ARG H 86 38.80 8.97 21.83
C ARG H 86 40.16 8.63 21.22
N PHE H 87 40.64 9.51 20.34
CA PHE H 87 41.92 9.32 19.66
C PHE H 87 43.09 10.11 20.25
N GLY H 88 42.82 10.87 21.30
CA GLY H 88 43.86 11.64 21.96
C GLY H 88 44.27 12.92 21.25
N ALA H 89 43.53 13.28 20.21
CA ALA H 89 43.80 14.49 19.43
C ALA H 89 43.42 15.70 20.24
N PHE H 90 44.38 16.21 21.00
CA PHE H 90 44.07 17.36 21.81
C PHE H 90 44.58 18.66 21.21
N ARG H 91 44.93 18.60 19.93
CA ARG H 91 45.42 19.78 19.19
C ARG H 91 44.74 19.90 17.80
N PHE H 92 43.74 20.78 17.70
CA PHE H 92 43.03 20.98 16.44
C PHE H 92 43.58 22.20 15.71
N PRO H 93 43.52 22.22 14.37
CA PRO H 93 42.97 21.17 13.48
C PRO H 93 43.81 19.89 13.52
N ALA H 94 43.11 18.77 13.42
CA ALA H 94 43.70 17.43 13.41
C ALA H 94 43.06 16.66 12.26
N THR H 95 43.70 15.54 11.87
CA THR H 95 43.20 14.71 10.78
C THR H 95 43.61 13.26 10.98
N LEU H 96 42.68 12.39 11.36
CA LEU H 96 43.00 10.97 11.55
C LEU H 96 43.30 10.33 10.20
N VAL H 97 44.40 9.58 10.12
CA VAL H 97 44.81 8.94 8.88
C VAL H 97 44.66 7.43 8.97
N PHE H 98 44.02 6.79 7.99
CA PHE H 98 43.92 5.33 8.04
C PHE H 98 44.38 4.76 6.71
N THR H 99 44.96 3.58 6.75
CA THR H 99 45.41 2.95 5.52
C THR H 99 45.22 1.46 5.65
N GLY H 100 44.86 0.83 4.53
CA GLY H 100 44.62 -0.60 4.53
C GLY H 100 43.81 -1.08 5.73
N GLY H 101 42.97 -0.21 6.27
CA GLY H 101 42.17 -0.61 7.40
C GLY H 101 42.97 -0.53 8.70
N ASN H 102 44.09 0.19 8.67
CA ASN H 102 44.92 0.38 9.85
C ASN H 102 45.15 1.83 10.17
N TYR H 103 45.15 2.13 11.46
CA TYR H 103 45.37 3.49 11.97
C TYR H 103 46.87 3.78 11.83
N ARG H 104 47.21 4.97 11.39
CA ARG H 104 48.61 5.29 11.20
C ARG H 104 49.02 6.40 12.14
N GLY H 105 48.25 7.47 12.15
CA GLY H 105 48.53 8.60 13.02
C GLY H 105 47.59 9.76 12.77
N VAL H 106 47.93 10.88 13.37
CA VAL H 106 47.11 12.07 13.23
C VAL H 106 47.95 13.30 12.98
N LEU H 107 47.63 14.03 11.92
CA LEU H 107 48.33 15.27 11.59
C LEU H 107 47.75 16.36 12.47
N ASN H 108 48.47 16.81 13.50
CA ASN H 108 47.96 17.88 14.36
C ASN H 108 48.67 19.19 14.03
N GLY H 109 47.93 20.29 14.06
CA GLY H 109 48.49 21.60 13.78
C GLY H 109 48.56 21.93 12.31
N ILE H 110 48.91 23.16 11.99
CA ILE H 110 49.02 23.49 10.60
C ILE H 110 50.48 23.85 10.34
N HIS H 111 51.03 23.29 9.27
CA HIS H 111 52.43 23.53 8.91
C HIS H 111 52.50 23.85 7.43
N PRO H 112 53.66 24.33 6.94
CA PRO H 112 53.83 24.65 5.52
C PRO H 112 53.66 23.39 4.68
N TRP H 113 53.61 23.54 3.36
CA TRP H 113 53.41 22.39 2.49
C TRP H 113 54.47 21.30 2.59
N ALA H 114 55.73 21.70 2.70
CA ALA H 114 56.82 20.74 2.82
C ALA H 114 56.76 20.05 4.19
N GLU H 115 56.63 20.85 5.24
CA GLU H 115 56.57 20.33 6.60
C GLU H 115 55.39 19.37 6.79
N LEU H 116 54.31 19.58 6.03
CA LEU H 116 53.11 18.75 6.14
C LEU H 116 53.15 17.53 5.25
N ILE H 117 53.61 17.72 4.03
CA ILE H 117 53.68 16.62 3.09
C ILE H 117 54.68 15.57 3.60
N ASN H 118 55.78 16.00 4.18
CA ASN H 118 56.73 15.02 4.66
C ASN H 118 56.21 14.36 5.93
N LEU H 119 55.22 14.97 6.58
CA LEU H 119 54.65 14.40 7.80
C LEU H 119 53.71 13.28 7.43
N MSE H 120 52.99 13.47 6.34
CA MSE H 120 52.07 12.47 5.90
C MSE H 120 52.84 11.24 5.49
O MSE H 120 52.51 10.14 5.89
CB MSE H 120 51.24 12.96 4.73
CG MSE H 120 49.76 13.12 5.08
SE MSE H 120 48.78 11.46 5.43
CE MSE H 120 48.26 11.08 3.60
N ARG H 121 53.87 11.46 4.68
CA ARG H 121 54.67 10.34 4.19
C ARG H 121 55.14 9.49 5.38
N GLY H 122 55.39 10.13 6.51
CA GLY H 122 55.84 9.41 7.70
C GLY H 122 54.77 8.52 8.30
N LEU H 123 53.51 8.92 8.09
CA LEU H 123 52.35 8.18 8.59
C LEU H 123 51.92 7.10 7.60
N VAL H 124 52.17 7.29 6.32
CA VAL H 124 51.80 6.26 5.36
C VAL H 124 53.03 5.53 4.87
N GLU H 125 54.07 5.50 5.70
CA GLU H 125 55.31 4.80 5.37
C GLU H 125 56.39 4.95 6.43
N THR I 5 3.81 52.58 44.67
CA THR I 5 3.31 51.61 43.67
C THR I 5 4.29 50.47 43.57
N PRO I 6 3.88 49.36 42.94
CA PRO I 6 4.80 48.22 42.83
C PRO I 6 5.88 48.43 41.78
N PHE I 7 5.53 49.09 40.69
CA PHE I 7 6.55 49.31 39.70
C PHE I 7 7.76 49.99 40.31
N ASP I 8 7.53 51.07 41.05
CA ASP I 8 8.62 51.79 41.68
C ASP I 8 9.42 50.82 42.51
N ALA I 9 8.77 49.81 43.06
CA ALA I 9 9.51 48.85 43.86
C ALA I 9 10.40 48.02 42.94
N LEU I 10 9.88 47.64 41.78
CA LEU I 10 10.68 46.86 40.83
C LEU I 10 11.85 47.73 40.36
N TRP I 11 11.63 49.04 40.26
CA TRP I 11 12.66 49.95 39.82
C TRP I 11 13.76 50.05 40.84
N GLN I 12 13.37 50.24 42.10
CA GLN I 12 14.39 50.33 43.13
C GLN I 12 15.22 49.05 43.17
N ARG I 13 14.55 47.90 43.12
CA ARG I 13 15.25 46.64 43.16
C ARG I 13 16.36 46.64 42.12
N MSE I 14 16.07 47.16 40.94
CA MSE I 14 17.11 47.16 39.93
C MSE I 14 18.20 48.16 40.25
O MSE I 14 19.40 47.90 40.03
CB MSE I 14 16.50 47.37 38.53
CG MSE I 14 15.66 46.16 38.07
SE MSE I 14 14.71 46.46 36.39
CE MSE I 14 14.69 44.70 35.71
N LEU I 15 17.82 49.31 40.79
CA LEU I 15 18.81 50.29 41.19
C LEU I 15 19.70 49.63 42.23
N ALA I 16 19.09 49.00 43.23
CA ALA I 16 19.88 48.33 44.26
C ALA I 16 20.84 47.27 43.70
N ARG I 17 20.72 46.98 42.41
CA ARG I 17 21.62 46.00 41.78
C ARG I 17 22.80 46.74 41.14
N GLY I 18 22.75 48.07 41.13
CA GLY I 18 23.82 48.83 40.53
C GLY I 18 23.49 49.25 39.11
N TRP I 19 22.54 48.58 38.48
CA TRP I 19 22.16 48.91 37.10
C TRP I 19 21.83 50.37 36.89
N THR I 20 22.12 50.87 35.69
CA THR I 20 21.91 52.26 35.41
C THR I 20 20.70 52.64 34.60
N PRO I 21 19.95 53.62 35.07
CA PRO I 21 18.75 54.10 34.39
C PRO I 21 19.18 54.69 33.04
N VAL I 22 18.28 54.64 32.05
CA VAL I 22 18.57 55.16 30.70
C VAL I 22 17.32 55.72 29.96
N SER I 23 17.46 56.86 29.32
CA SER I 23 16.36 57.47 28.58
C SER I 23 16.59 57.19 27.09
N GLU I 24 15.55 57.28 26.27
CA GLU I 24 15.76 57.01 24.84
C GLU I 24 16.86 57.89 24.24
N SER I 25 16.67 59.21 24.31
CA SER I 25 17.60 60.20 23.77
C SER I 25 18.99 60.17 24.40
N ARG I 26 19.45 59.00 24.80
CA ARG I 26 20.76 58.91 25.44
C ARG I 26 21.33 57.51 25.36
N LEU I 27 20.49 56.56 24.94
CA LEU I 27 20.89 55.17 24.83
C LEU I 27 22.22 55.06 24.04
N ASP I 28 22.30 55.75 22.91
CA ASP I 28 23.49 55.76 22.08
C ASP I 28 24.75 56.01 22.93
N ASP I 29 24.83 57.18 23.54
CA ASP I 29 25.99 57.49 24.35
C ASP I 29 26.25 56.40 25.39
N TRP I 30 25.17 55.83 25.96
CA TRP I 30 25.37 54.79 26.95
C TRP I 30 26.06 53.63 26.24
N LEU I 31 25.45 53.20 25.13
CA LEU I 31 25.97 52.11 24.34
C LEU I 31 27.47 52.29 24.09
N THR I 32 27.87 53.45 23.62
CA THR I 32 29.28 53.66 23.34
C THR I 32 30.26 53.40 24.49
N GLN I 33 29.86 53.78 25.70
CA GLN I 33 30.70 53.55 26.87
C GLN I 33 30.33 52.21 27.51
N ALA I 34 29.49 51.46 26.80
CA ALA I 34 29.00 50.13 27.24
C ALA I 34 28.93 49.18 26.05
N PRO I 35 30.06 49.00 25.35
CA PRO I 35 30.12 48.11 24.17
C PRO I 35 29.60 46.72 24.52
N ASP I 36 29.72 46.37 25.80
CA ASP I 36 29.25 45.09 26.28
C ASP I 36 28.19 45.32 27.35
N GLY I 37 26.93 45.15 26.97
CA GLY I 37 25.84 45.36 27.91
C GLY I 37 24.46 44.99 27.42
N VAL I 38 23.51 45.00 28.36
CA VAL I 38 22.14 44.70 28.03
C VAL I 38 21.25 45.78 28.60
N VAL I 39 20.07 45.94 28.01
CA VAL I 39 19.07 46.94 28.41
C VAL I 39 17.74 46.29 28.68
N LEU I 40 17.27 46.35 29.91
CA LEU I 40 15.97 45.76 30.26
C LEU I 40 14.77 46.65 29.89
N LEU I 41 13.76 46.09 29.25
CA LEU I 41 12.58 46.85 28.90
C LEU I 41 11.45 46.28 29.76
N SER I 42 10.67 47.12 30.42
CA SER I 42 9.62 46.58 31.25
C SER I 42 8.26 47.20 31.00
N SER I 43 7.23 46.54 31.52
CA SER I 43 5.87 46.99 31.42
C SER I 43 5.38 47.11 32.84
N ASP I 44 4.14 47.51 32.97
CA ASP I 44 3.60 47.65 34.30
C ASP I 44 3.47 46.26 34.97
N PRO I 45 4.15 46.05 36.12
CA PRO I 45 4.21 44.85 36.97
C PRO I 45 2.87 44.47 37.55
N LYS I 46 1.90 45.36 37.41
CA LYS I 46 0.56 45.07 37.90
C LYS I 46 -0.16 44.37 36.75
N ARG I 47 -0.10 44.95 35.56
CA ARG I 47 -0.76 44.37 34.39
C ARG I 47 -0.12 43.01 34.04
N THR I 48 1.07 42.77 34.55
CA THR I 48 1.78 41.53 34.30
C THR I 48 3.00 41.36 35.19
N PRO I 49 2.85 40.65 36.30
CA PRO I 49 3.94 40.41 37.25
C PRO I 49 5.09 39.60 36.66
N GLU I 50 4.91 39.10 35.44
CA GLU I 50 5.94 38.32 34.79
C GLU I 50 7.11 39.26 34.48
N VAL I 51 6.84 40.56 34.55
CA VAL I 51 7.86 41.56 34.28
C VAL I 51 8.87 41.60 35.40
N SER I 52 8.38 41.45 36.63
CA SER I 52 9.27 41.50 37.77
C SER I 52 10.26 40.32 37.85
N ASP I 53 10.06 39.32 37.01
CA ASP I 53 10.94 38.19 37.02
C ASP I 53 12.21 38.38 36.21
N ASN I 54 12.25 39.42 35.38
CA ASN I 54 13.40 39.68 34.56
C ASN I 54 14.68 39.96 35.33
N PRO I 55 14.60 40.81 36.37
CA PRO I 55 15.80 41.13 37.16
C PRO I 55 16.62 39.92 37.56
N VAL I 56 15.99 38.95 38.20
CA VAL I 56 16.72 37.77 38.62
C VAL I 56 17.31 37.09 37.40
N MSE I 57 16.46 36.71 36.45
CA MSE I 57 16.89 36.03 35.22
C MSE I 57 18.17 36.59 34.61
O MSE I 57 19.22 35.95 34.62
CB MSE I 57 15.79 36.10 34.15
CG MSE I 57 14.45 35.53 34.53
SE MSE I 57 14.43 33.61 34.80
CE MSE I 57 14.70 33.05 32.95
N ILE I 58 18.05 37.79 34.05
CA ILE I 58 19.18 38.45 33.43
C ILE I 58 20.31 38.61 34.43
N GLY I 59 19.98 38.74 35.70
CA GLY I 59 21.02 38.85 36.70
C GLY I 59 21.94 37.65 36.69
N GLU I 60 21.36 36.45 36.69
CA GLU I 60 22.11 35.20 36.69
C GLU I 60 22.79 35.03 35.34
N LEU I 61 21.98 35.04 34.29
CA LEU I 61 22.44 34.87 32.94
C LEU I 61 23.81 35.51 32.70
N LEU I 62 23.95 36.78 33.05
CA LEU I 62 25.22 37.44 32.84
C LEU I 62 26.40 36.77 33.55
N HIS I 63 26.17 36.27 34.75
CA HIS I 63 27.24 35.62 35.49
C HIS I 63 27.75 34.38 34.76
N GLU I 64 26.95 33.85 33.84
CA GLU I 64 27.32 32.67 33.06
C GLU I 64 28.00 33.06 31.75
N PHE I 65 28.44 34.32 31.64
CA PHE I 65 29.12 34.81 30.43
C PHE I 65 30.20 35.85 30.75
N PRO I 66 31.19 35.49 31.62
CA PRO I 66 32.30 36.37 32.02
C PRO I 66 33.08 37.01 30.88
N ASP I 67 33.25 36.27 29.80
CA ASP I 67 34.01 36.80 28.68
C ASP I 67 33.77 38.25 28.39
N TYR I 68 32.56 38.71 28.68
CA TYR I 68 32.15 40.09 28.43
C TYR I 68 32.03 40.94 29.70
N THR I 69 32.41 42.20 29.56
CA THR I 69 32.38 43.14 30.65
C THR I 69 31.00 43.75 30.75
N TRP I 70 30.01 42.88 30.93
CA TRP I 70 28.61 43.24 31.02
C TRP I 70 28.25 44.45 31.90
N GLN I 71 27.57 45.41 31.28
CA GLN I 71 27.06 46.62 31.93
C GLN I 71 25.52 46.58 31.71
N VAL I 72 24.74 46.77 32.78
CA VAL I 72 23.27 46.70 32.69
C VAL I 72 22.51 48.04 32.69
N ALA I 73 21.72 48.27 31.67
CA ALA I 73 20.94 49.49 31.59
C ALA I 73 19.49 49.17 31.84
N ILE I 74 18.78 50.09 32.48
CA ILE I 74 17.35 49.88 32.75
C ILE I 74 16.51 51.06 32.24
N ALA I 75 15.30 50.72 31.81
CA ALA I 75 14.41 51.68 31.24
C ALA I 75 13.06 51.69 31.97
N ASP I 76 12.57 52.88 32.32
CA ASP I 76 11.28 52.93 33.01
C ASP I 76 10.14 52.80 32.00
N LEU I 77 8.93 52.61 32.52
CA LEU I 77 7.75 52.45 31.66
C LEU I 77 7.68 53.25 30.35
N GLU I 78 7.84 54.56 30.42
CA GLU I 78 7.73 55.38 29.23
C GLU I 78 8.87 55.17 28.26
N GLN I 79 10.07 55.19 28.82
CA GLN I 79 11.28 55.04 28.02
C GLN I 79 11.41 53.60 27.46
N SER I 80 10.77 52.64 28.13
CA SER I 80 10.82 51.27 27.67
C SER I 80 10.10 51.09 26.34
N GLU I 81 9.02 51.85 26.14
CA GLU I 81 8.24 51.80 24.90
C GLU I 81 9.02 52.48 23.77
N ALA I 82 9.62 53.64 24.06
CA ALA I 82 10.37 54.33 23.01
C ALA I 82 11.57 53.49 22.54
N ILE I 83 12.32 52.91 23.48
CA ILE I 83 13.46 52.10 23.09
C ILE I 83 12.93 50.87 22.36
N GLY I 84 11.93 50.24 22.95
CA GLY I 84 11.34 49.07 22.34
C GLY I 84 10.92 49.27 20.89
N ASP I 85 10.29 50.40 20.58
CA ASP I 85 9.83 50.64 19.21
C ASP I 85 10.96 50.80 18.22
N ARG I 86 12.11 51.23 18.72
CA ARG I 86 13.27 51.42 17.87
C ARG I 86 13.98 50.11 17.60
N PHE I 87 13.62 49.05 18.33
CA PHE I 87 14.28 47.77 18.15
C PHE I 87 13.29 46.62 17.94
N GLY I 88 12.08 46.97 17.54
CA GLY I 88 11.06 45.96 17.31
C GLY I 88 10.71 45.09 18.50
N ALA I 89 11.06 45.49 19.71
CA ALA I 89 10.73 44.70 20.90
C ALA I 89 9.29 44.94 21.28
N PHE I 90 8.40 44.16 20.70
CA PHE I 90 7.00 44.31 21.01
C PHE I 90 6.46 43.22 21.93
N ARG I 91 7.34 42.64 22.74
CA ARG I 91 6.98 41.58 23.67
C ARG I 91 7.78 41.71 24.98
N PHE I 92 7.21 42.44 25.93
CA PHE I 92 7.87 42.67 27.21
C PHE I 92 7.57 41.61 28.25
N PRO I 93 8.50 41.36 29.18
CA PRO I 93 9.83 41.93 29.39
C PRO I 93 10.75 41.52 28.26
N ALA I 94 11.64 42.42 27.86
CA ALA I 94 12.55 42.09 26.79
C ALA I 94 13.91 42.56 27.20
N THR I 95 14.96 41.98 26.64
CA THR I 95 16.30 42.41 27.01
C THR I 95 17.11 42.67 25.75
N LEU I 96 17.57 43.90 25.56
CA LEU I 96 18.37 44.15 24.38
C LEU I 96 19.77 43.65 24.66
N VAL I 97 20.37 42.96 23.69
CA VAL I 97 21.71 42.48 23.96
C VAL I 97 22.73 43.14 23.04
N PHE I 98 23.82 43.62 23.63
CA PHE I 98 24.88 44.25 22.85
C PHE I 98 26.24 43.63 23.18
N THR I 99 27.04 43.42 22.15
CA THR I 99 28.38 42.87 22.31
C THR I 99 29.34 43.59 21.37
N GLY I 100 30.52 43.89 21.88
CA GLY I 100 31.49 44.59 21.06
C GLY I 100 30.81 45.73 20.32
N GLY I 101 29.95 46.47 21.02
CA GLY I 101 29.25 47.59 20.42
C GLY I 101 28.35 47.23 19.25
N ASN I 102 27.69 46.07 19.35
CA ASN I 102 26.83 45.64 18.27
C ASN I 102 25.55 45.02 18.79
N TYR I 103 24.43 45.41 18.19
CA TYR I 103 23.14 44.86 18.60
C TYR I 103 23.04 43.40 18.15
N ARG I 104 23.17 42.45 19.08
CA ARG I 104 23.10 41.02 18.73
C ARG I 104 21.68 40.46 18.82
N GLY I 105 20.70 41.29 19.15
CA GLY I 105 19.33 40.83 19.24
C GLY I 105 18.67 41.14 20.58
N VAL I 106 17.54 40.48 20.86
CA VAL I 106 16.81 40.72 22.11
C VAL I 106 16.15 39.50 22.77
N LEU I 107 16.32 39.34 24.08
CA LEU I 107 15.67 38.23 24.79
C LEU I 107 14.30 38.69 25.24
N ASN I 108 13.25 38.11 24.68
CA ASN I 108 11.90 38.49 25.06
C ASN I 108 11.14 37.35 25.71
N GLY I 109 10.40 37.67 26.76
CA GLY I 109 9.61 36.66 27.45
C GLY I 109 10.40 36.00 28.56
N ILE I 110 9.71 35.17 29.32
CA ILE I 110 10.34 34.48 30.42
C ILE I 110 10.43 33.01 30.08
N HIS I 111 11.63 32.44 30.16
CA HIS I 111 11.80 31.03 29.86
C HIS I 111 12.59 30.36 30.99
N PRO I 112 12.61 29.01 31.02
CA PRO I 112 13.35 28.32 32.08
C PRO I 112 14.84 28.67 31.99
N TRP I 113 15.54 28.63 33.12
CA TRP I 113 16.96 28.93 33.14
C TRP I 113 17.74 28.21 32.04
N ALA I 114 17.33 26.97 31.75
CA ALA I 114 17.99 26.17 30.72
C ALA I 114 17.94 26.85 29.36
N GLU I 115 16.73 27.01 28.84
CA GLU I 115 16.53 27.64 27.55
C GLU I 115 17.05 29.06 27.55
N LEU I 116 16.92 29.73 28.68
CA LEU I 116 17.37 31.11 28.79
C LEU I 116 18.81 31.23 28.31
N ILE I 117 19.71 30.48 28.94
CA ILE I 117 21.14 30.52 28.59
C ILE I 117 21.43 30.05 27.18
N ASN I 118 20.57 29.17 26.69
CA ASN I 118 20.70 28.61 25.35
C ASN I 118 20.46 29.74 24.35
N LEU I 119 19.45 30.56 24.61
CA LEU I 119 19.13 31.68 23.74
C LEU I 119 20.31 32.63 23.70
N MSE I 120 20.97 32.77 24.84
CA MSE I 120 22.13 33.67 24.93
C MSE I 120 23.35 33.08 24.25
O MSE I 120 24.05 33.78 23.51
CB MSE I 120 22.48 33.98 26.38
CG MSE I 120 21.96 35.32 26.85
SE MSE I 120 22.75 36.88 25.96
CE MSE I 120 23.57 37.66 27.52
N ARG I 121 23.62 31.79 24.49
CA ARG I 121 24.77 31.12 23.88
C ARG I 121 24.59 31.22 22.37
N GLY I 122 23.37 31.51 21.95
CA GLY I 122 23.08 31.61 20.54
C GLY I 122 22.99 33.04 20.04
N LEU I 123 22.94 34.01 20.95
CA LEU I 123 22.87 35.41 20.54
C LEU I 123 24.25 36.03 20.37
N VAL I 124 25.11 35.84 21.37
CA VAL I 124 26.47 36.39 21.37
C VAL I 124 27.51 35.42 20.78
N GLU I 125 27.03 34.37 20.09
CA GLU I 125 27.88 33.36 19.47
C GLU I 125 28.36 33.87 18.11
N THR J 5 7.99 20.88 25.22
CA THR J 5 6.56 20.85 24.80
C THR J 5 6.44 21.12 23.31
N PRO J 6 5.25 20.87 22.74
CA PRO J 6 5.02 21.09 21.31
C PRO J 6 4.83 22.57 20.97
N PHE J 7 4.38 23.36 21.94
CA PHE J 7 4.14 24.79 21.73
C PHE J 7 5.43 25.55 21.48
N ASP J 8 6.51 25.08 22.09
CA ASP J 8 7.83 25.69 21.94
C ASP J 8 8.25 25.46 20.49
N ALA J 9 7.99 24.25 20.00
CA ALA J 9 8.31 23.88 18.64
C ALA J 9 7.53 24.77 17.69
N LEU J 10 6.21 24.77 17.86
CA LEU J 10 5.32 25.58 17.03
C LEU J 10 5.73 27.06 17.04
N TRP J 11 5.96 27.60 18.24
CA TRP J 11 6.37 28.99 18.39
C TRP J 11 7.68 29.24 17.62
N GLN J 12 8.67 28.38 17.80
CA GLN J 12 9.94 28.54 17.12
C GLN J 12 9.75 28.44 15.62
N ARG J 13 8.85 27.56 15.19
CA ARG J 13 8.51 27.35 13.78
C ARG J 13 8.08 28.70 13.22
N MSE J 14 7.45 29.51 14.06
CA MSE J 14 6.97 30.82 13.65
C MSE J 14 8.04 31.90 13.60
O MSE J 14 8.00 32.79 12.74
CB MSE J 14 5.83 31.23 14.57
CG MSE J 14 4.74 30.18 14.61
SE MSE J 14 3.07 30.86 15.24
CE MSE J 14 1.95 30.33 13.79
N LEU J 15 9.01 31.85 14.52
CA LEU J 15 10.10 32.82 14.49
C LEU J 15 10.91 32.67 13.19
N ALA J 16 10.99 31.44 12.70
CA ALA J 16 11.74 31.14 11.46
C ALA J 16 11.21 31.93 10.25
N ARG J 17 9.95 32.34 10.32
CA ARG J 17 9.34 33.14 9.24
C ARG J 17 9.63 34.62 9.46
N GLY J 18 10.02 35.00 10.67
CA GLY J 18 10.32 36.40 10.90
C GLY J 18 9.20 37.13 11.62
N TRP J 19 8.17 36.36 11.98
CA TRP J 19 7.04 36.89 12.69
C TRP J 19 7.53 37.43 14.03
N THR J 20 6.98 38.58 14.40
CA THR J 20 7.36 39.27 15.63
C THR J 20 6.52 38.92 16.85
N PRO J 21 7.18 38.64 17.98
CA PRO J 21 6.47 38.30 19.21
C PRO J 21 5.79 39.54 19.75
N VAL J 22 4.59 39.38 20.29
CA VAL J 22 3.87 40.51 20.86
C VAL J 22 3.12 40.16 22.14
N SER J 23 2.86 41.15 22.97
CA SER J 23 2.11 40.95 24.21
C SER J 23 1.02 42.02 24.25
N GLU J 24 -0.12 41.72 24.85
CA GLU J 24 -1.26 42.65 24.90
C GLU J 24 -0.81 44.06 25.23
N SER J 25 0.09 44.17 26.18
CA SER J 25 0.54 45.48 26.58
C SER J 25 1.09 46.26 25.40
N ARG J 26 1.88 45.60 24.58
CA ARG J 26 2.48 46.29 23.46
C ARG J 26 1.69 46.17 22.16
N LEU J 27 0.52 45.52 22.21
CA LEU J 27 -0.24 45.36 20.98
C LEU J 27 -0.61 46.66 20.28
N ASP J 28 -1.20 47.62 20.98
CA ASP J 28 -1.54 48.89 20.33
C ASP J 28 -0.32 49.54 19.67
N ASP J 29 0.82 49.49 20.36
CA ASP J 29 2.08 50.07 19.87
C ASP J 29 2.60 49.41 18.59
N TRP J 30 2.30 48.11 18.42
CA TRP J 30 2.71 47.34 17.24
C TRP J 30 1.73 47.74 16.14
N LEU J 31 0.45 47.60 16.45
CA LEU J 31 -0.62 47.96 15.53
C LEU J 31 -0.40 49.36 14.93
N THR J 32 -0.28 50.38 15.76
CA THR J 32 -0.03 51.73 15.30
C THR J 32 1.18 51.88 14.32
N GLN J 33 2.00 50.84 14.18
CA GLN J 33 3.14 50.90 13.25
C GLN J 33 2.99 49.82 12.22
N ALA J 34 1.81 49.23 12.17
CA ALA J 34 1.56 48.16 11.23
C ALA J 34 0.16 48.36 10.72
N PRO J 35 0.03 49.16 9.66
CA PRO J 35 -1.27 49.48 9.05
C PRO J 35 -2.00 48.20 8.67
N ASP J 36 -1.26 47.27 8.08
CA ASP J 36 -1.84 46.00 7.69
C ASP J 36 -1.16 44.94 8.53
N GLY J 37 -1.93 44.42 9.46
CA GLY J 37 -1.37 43.42 10.32
C GLY J 37 -2.25 42.21 10.55
N VAL J 38 -1.57 41.18 11.02
CA VAL J 38 -2.17 39.91 11.32
C VAL J 38 -1.63 39.45 12.65
N VAL J 39 -2.51 39.26 13.62
CA VAL J 39 -2.07 38.82 14.92
C VAL J 39 -2.50 37.35 15.05
N LEU J 40 -1.60 36.47 15.47
CA LEU J 40 -1.97 35.08 15.62
C LEU J 40 -2.12 34.66 17.06
N LEU J 41 -3.34 34.36 17.47
CA LEU J 41 -3.57 33.92 18.84
C LEU J 41 -3.67 32.41 18.76
N SER J 42 -2.87 31.70 19.54
CA SER J 42 -2.91 30.25 19.49
C SER J 42 -3.35 29.52 20.73
N SER J 43 -3.49 28.22 20.60
CA SER J 43 -3.85 27.39 21.73
C SER J 43 -2.88 26.26 21.85
N ASP J 44 -2.66 25.81 23.09
CA ASP J 44 -1.73 24.70 23.31
C ASP J 44 -2.07 23.67 22.23
N PRO J 45 -1.07 23.29 21.41
CA PRO J 45 -1.23 22.32 20.32
C PRO J 45 -1.58 20.93 20.81
N LYS J 46 -1.34 20.69 22.11
CA LYS J 46 -1.66 19.42 22.73
C LYS J 46 -3.18 19.30 22.85
N ARG J 47 -3.85 20.39 23.23
CA ARG J 47 -5.30 20.42 23.39
C ARG J 47 -6.00 20.55 22.03
N THR J 48 -5.21 20.96 21.03
CA THR J 48 -5.68 21.15 19.67
C THR J 48 -4.49 21.14 18.74
N PRO J 49 -4.29 20.02 18.02
CA PRO J 49 -3.17 19.88 17.09
C PRO J 49 -3.25 20.75 15.85
N GLU J 50 -4.47 21.06 15.44
CA GLU J 50 -4.69 21.87 14.25
C GLU J 50 -3.90 23.18 14.28
N VAL J 51 -3.47 23.57 15.46
CA VAL J 51 -2.72 24.80 15.62
C VAL J 51 -1.42 24.73 14.84
N SER J 52 -0.81 23.55 14.83
CA SER J 52 0.47 23.33 14.16
C SER J 52 0.44 23.67 12.67
N ASP J 53 -0.71 23.53 12.03
CA ASP J 53 -0.85 23.83 10.60
C ASP J 53 -1.02 25.33 10.31
N ASN J 54 -1.49 26.10 11.29
CA ASN J 54 -1.67 27.51 11.08
C ASN J 54 -0.48 28.20 10.40
N PRO J 55 0.76 27.97 10.86
CA PRO J 55 1.91 28.62 10.24
C PRO J 55 1.94 28.46 8.73
N VAL J 56 1.77 27.24 8.28
CA VAL J 56 1.79 26.98 6.85
C VAL J 56 0.63 27.70 6.18
N MSE J 57 -0.56 27.55 6.78
CA MSE J 57 -1.81 28.13 6.28
C MSE J 57 -1.78 29.66 6.14
O MSE J 57 -1.74 30.21 5.05
CB MSE J 57 -2.97 27.74 7.20
CG MSE J 57 -3.44 26.27 7.12
SE MSE J 57 -5.00 25.99 5.96
CE MSE J 57 -6.45 25.85 7.29
N ILE J 58 -1.83 30.33 7.29
CA ILE J 58 -1.81 31.79 7.34
C ILE J 58 -0.78 32.41 6.42
N GLY J 59 0.30 31.67 6.16
CA GLY J 59 1.34 32.19 5.29
C GLY J 59 0.90 32.22 3.84
N GLU J 60 0.34 31.10 3.40
CA GLU J 60 -0.16 30.93 2.03
C GLU J 60 -1.26 31.96 1.81
N LEU J 61 -2.02 32.24 2.86
CA LEU J 61 -3.12 33.18 2.78
C LEU J 61 -2.69 34.63 2.53
N LEU J 62 -1.68 35.09 3.26
CA LEU J 62 -1.21 36.44 3.09
C LEU J 62 -0.59 36.63 1.72
N HIS J 63 -0.09 35.55 1.14
CA HIS J 63 0.54 35.60 -0.18
C HIS J 63 -0.49 35.85 -1.26
N GLU J 64 -1.75 35.52 -0.98
CA GLU J 64 -2.81 35.72 -1.93
C GLU J 64 -3.38 37.13 -1.90
N PHE J 65 -2.78 38.02 -1.11
CA PHE J 65 -3.25 39.40 -1.03
C PHE J 65 -2.10 40.39 -1.02
N PRO J 66 -1.19 40.31 -2.02
CA PRO J 66 -0.01 41.18 -2.15
C PRO J 66 -0.33 42.66 -2.08
N ASP J 67 -1.61 42.98 -2.01
CA ASP J 67 -2.09 44.35 -1.94
C ASP J 67 -1.60 45.05 -0.67
N TYR J 68 -1.49 44.32 0.43
CA TYR J 68 -1.12 44.99 1.65
C TYR J 68 0.28 44.78 2.19
N THR J 69 0.68 45.65 3.11
CA THR J 69 2.00 45.60 3.69
C THR J 69 2.01 44.67 4.90
N TRP J 70 1.48 43.48 4.71
CA TRP J 70 1.39 42.52 5.79
C TRP J 70 2.58 42.46 6.73
N GLN J 71 2.23 42.50 8.00
CA GLN J 71 3.14 42.36 9.11
C GLN J 71 2.40 41.34 9.99
N VAL J 72 3.11 40.35 10.53
CA VAL J 72 2.45 39.35 11.37
C VAL J 72 2.91 39.35 12.81
N ALA J 73 1.96 39.18 13.73
CA ALA J 73 2.27 39.16 15.15
C ALA J 73 1.86 37.82 15.79
N ILE J 74 2.63 37.36 16.77
CA ILE J 74 2.33 36.10 17.45
C ILE J 74 2.37 36.19 18.98
N ALA J 75 1.28 35.80 19.61
CA ALA J 75 1.18 35.81 21.07
C ALA J 75 1.29 34.37 21.60
N ASP J 76 1.98 34.19 22.74
CA ASP J 76 2.12 32.84 23.31
C ASP J 76 0.83 32.48 24.05
N LEU J 77 0.73 31.26 24.57
CA LEU J 77 -0.51 30.86 25.24
C LEU J 77 -1.23 31.90 26.12
N GLU J 78 -0.60 32.37 27.19
CA GLU J 78 -1.22 33.35 28.09
C GLU J 78 -1.61 34.63 27.32
N GLN J 79 -0.59 35.32 26.79
CA GLN J 79 -0.81 36.53 26.04
C GLN J 79 -1.90 36.36 24.99
N SER J 80 -1.92 35.26 24.26
CA SER J 80 -3.01 35.08 23.27
C SER J 80 -4.38 35.22 23.92
N GLU J 81 -4.49 34.77 25.19
CA GLU J 81 -5.73 34.86 25.95
C GLU J 81 -6.04 36.31 26.20
N ALA J 82 -5.06 37.03 26.72
CA ALA J 82 -5.28 38.44 26.97
C ALA J 82 -5.72 39.09 25.67
N ILE J 83 -4.96 38.94 24.61
CA ILE J 83 -5.41 39.58 23.41
C ILE J 83 -6.87 39.15 23.04
N GLY J 84 -7.12 37.85 22.94
CA GLY J 84 -8.45 37.38 22.58
C GLY J 84 -9.63 38.06 23.24
N ASP J 85 -9.55 38.17 24.57
CA ASP J 85 -10.58 38.82 25.37
C ASP J 85 -10.84 40.22 24.85
N ARG J 86 -9.80 41.05 24.74
CA ARG J 86 -10.02 42.39 24.26
C ARG J 86 -10.85 42.44 22.99
N PHE J 87 -10.68 41.49 22.09
CA PHE J 87 -11.45 41.53 20.85
C PHE J 87 -12.52 40.46 20.85
N GLY J 88 -12.85 40.00 22.05
CA GLY J 88 -13.86 38.97 22.22
C GLY J 88 -13.63 37.63 21.54
N ALA J 89 -12.52 37.44 20.82
CA ALA J 89 -12.28 36.16 20.14
C ALA J 89 -12.23 34.97 21.09
N PHE J 90 -13.24 34.11 21.01
CA PHE J 90 -13.30 32.92 21.87
C PHE J 90 -13.14 31.59 21.12
N ARG J 91 -12.66 31.64 19.89
CA ARG J 91 -12.50 30.42 19.14
C ARG J 91 -11.05 30.33 18.67
N PHE J 92 -10.20 29.85 19.58
CA PHE J 92 -8.78 29.68 19.31
C PHE J 92 -8.53 28.33 18.70
N PRO J 93 -7.60 28.27 17.74
CA PRO J 93 -6.80 29.38 17.23
C PRO J 93 -7.63 30.42 16.49
N ALA J 94 -7.24 31.68 16.60
CA ALA J 94 -7.89 32.80 15.95
C ALA J 94 -6.78 33.69 15.33
N THR J 95 -7.15 34.47 14.30
CA THR J 95 -6.23 35.36 13.59
C THR J 95 -6.88 36.73 13.51
N LEU J 96 -6.21 37.75 14.00
CA LEU J 96 -6.81 39.06 13.92
C LEU J 96 -6.33 39.69 12.63
N VAL J 97 -7.28 40.27 11.88
CA VAL J 97 -6.94 40.89 10.63
C VAL J 97 -7.09 42.41 10.73
N PHE J 98 -6.01 43.09 10.43
CA PHE J 98 -5.99 44.53 10.48
C PHE J 98 -5.58 45.05 9.14
N THR J 99 -6.41 45.92 8.57
CA THR J 99 -6.08 46.48 7.29
C THR J 99 -6.23 47.99 7.36
N GLY J 100 -5.30 48.69 6.70
CA GLY J 100 -5.34 50.14 6.69
C GLY J 100 -5.54 50.66 8.10
N GLY J 101 -4.82 50.06 9.04
CA GLY J 101 -4.92 50.48 10.42
C GLY J 101 -6.27 50.24 11.05
N ASN J 102 -7.07 49.37 10.45
CA ASN J 102 -8.40 49.10 11.00
C ASN J 102 -8.65 47.65 11.24
N TYR J 103 -9.27 47.35 12.38
CA TYR J 103 -9.61 45.97 12.69
C TYR J 103 -10.75 45.57 11.78
N ARG J 104 -10.44 44.70 10.83
CA ARG J 104 -11.43 44.19 9.89
C ARG J 104 -12.16 42.92 10.34
N GLY J 105 -11.74 42.31 11.46
CA GLY J 105 -12.39 41.10 11.93
C GLY J 105 -11.45 39.94 12.27
N VAL J 106 -11.97 38.71 12.37
CA VAL J 106 -11.14 37.55 12.73
C VAL J 106 -11.45 36.16 12.11
N LEU J 107 -10.50 35.64 11.34
CA LEU J 107 -10.63 34.32 10.72
C LEU J 107 -10.52 33.27 11.83
N ASN J 108 -11.63 32.69 12.24
CA ASN J 108 -11.53 31.64 13.26
C ASN J 108 -12.16 30.43 12.67
N GLY J 109 -11.85 29.27 13.23
CA GLY J 109 -12.43 28.06 12.69
C GLY J 109 -11.37 27.33 11.90
N ILE J 110 -11.79 26.30 11.18
CA ILE J 110 -10.86 25.52 10.38
C ILE J 110 -11.57 25.13 9.10
N HIS J 111 -11.10 25.70 7.99
CA HIS J 111 -11.70 25.44 6.69
C HIS J 111 -10.62 25.22 5.63
N PRO J 112 -10.93 24.47 4.57
CA PRO J 112 -9.96 24.20 3.51
C PRO J 112 -9.50 25.51 2.87
N TRP J 113 -8.33 25.48 2.24
CA TRP J 113 -7.79 26.67 1.60
C TRP J 113 -8.87 27.48 0.90
N ALA J 114 -9.64 26.84 0.04
CA ALA J 114 -10.69 27.57 -0.65
C ALA J 114 -11.65 28.17 0.36
N GLU J 115 -12.09 27.34 1.31
CA GLU J 115 -13.03 27.76 2.35
C GLU J 115 -12.38 28.74 3.33
N LEU J 116 -11.29 29.36 2.93
CA LEU J 116 -10.60 30.29 3.80
C LEU J 116 -10.44 31.63 3.11
N ILE J 117 -9.69 31.63 2.02
CA ILE J 117 -9.43 32.85 1.27
C ILE J 117 -10.68 33.70 1.04
N ASN J 118 -11.82 33.02 0.90
CA ASN J 118 -13.10 33.69 0.68
C ASN J 118 -13.48 34.52 1.91
N LEU J 119 -13.07 34.02 3.08
CA LEU J 119 -13.34 34.72 4.35
C LEU J 119 -12.45 35.95 4.46
N MSE J 120 -11.22 35.86 3.97
CA MSE J 120 -10.31 36.99 4.04
C MSE J 120 -10.79 38.14 3.18
O MSE J 120 -10.87 39.29 3.63
CB MSE J 120 -8.90 36.60 3.61
CG MSE J 120 -7.93 36.50 4.77
SE MSE J 120 -7.71 38.17 5.74
CE MSE J 120 -5.79 38.29 5.72
N ARG J 121 -11.10 37.83 1.94
CA ARG J 121 -11.57 38.86 1.04
C ARG J 121 -12.95 39.37 1.48
N GLY J 122 -13.44 38.85 2.59
CA GLY J 122 -14.72 39.29 3.11
C GLY J 122 -14.54 40.20 4.32
N LEU J 123 -13.28 40.53 4.60
CA LEU J 123 -12.93 41.38 5.73
C LEU J 123 -12.07 42.53 5.20
N VAL J 124 -11.44 42.30 4.05
CA VAL J 124 -10.58 43.31 3.44
C VAL J 124 -11.21 43.83 2.14
N GLU J 125 -12.53 43.72 2.05
CA GLU J 125 -13.30 44.15 0.87
C GLU J 125 -14.75 44.48 1.23
#